data_7A3R
#
_entry.id   7A3R
#
_cell.length_a   105.190
_cell.length_b   105.190
_cell.length_c   180.040
_cell.angle_alpha   90.000
_cell.angle_beta   90.000
_cell.angle_gamma   90.000
#
_symmetry.space_group_name_H-M   'P 41 21 2'
#
loop_
_entity.id
_entity.type
_entity.pdbx_description
1 polymer 'Core protein'
2 branched alpha-L-fucopyranose-(1-6)-2-acetamido-2-deoxy-beta-D-glucopyranose
3 non-polymer 2-acetamido-2-deoxy-beta-D-glucopyranose
#
_entity_poly.entity_id   1
_entity_poly.type   'polypeptide(L)'
_entity_poly.pdbx_seq_one_letter_code
;MRCVGIGNRDFVEGLSGATWVDVVLEHGSCVTTMAKNKPTLDIELLKTEVTNPAVLRKLCIEAKISNTTTDSRCPTQGEA
TLVEEQDANFVCRRTVVDRGWGNGCGLFGKGSLLTCAKFKCVTKLEGKIVQYENLKYSVIVTVHTGDQHQVGNETTEHGT
IATITPQAPTSEIQLTDYGTLTLDCSPRTGLDFNEMVLLTMKEKSWLVHKQWFLDLPLPWTSGASTSQETWNRQDLLVTF
KTAHAKKQEVVVLGSQEGAMHTALTGATEIQTSGTTTIFAGHLKCRLKMDKLTLKGMSYVMCTGSFKLEKEVAETQHGTV
LVQVKYEGTDAPCKIPFSTQDEKGVTQNGRLITANPIVTDKEKPVNIETEPPFGESYIIVGAGEKALKLSWFKKGGAADD
DDKAGWSHPQFEKGGGSGGGSGGGSWSHPQFEK
;
_entity_poly.pdbx_strand_id   A,B
#
loop_
_chem_comp.id
_chem_comp.type
_chem_comp.name
_chem_comp.formula
FUC L-saccharide, alpha linking alpha-L-fucopyranose 'C6 H12 O5'
NAG D-saccharide, beta linking 2-acetamido-2-deoxy-beta-D-glucopyranose 'C8 H15 N O6'
#
# COMPACT_ATOMS: atom_id res chain seq x y z
N MET A 1 44.38 10.81 -13.22
CA MET A 1 43.76 11.43 -12.05
C MET A 1 42.28 11.07 -11.96
N ARG A 2 41.80 10.89 -10.73
CA ARG A 2 40.40 10.55 -10.50
C ARG A 2 39.96 11.21 -9.20
N CYS A 3 38.66 11.16 -8.94
CA CYS A 3 38.03 11.62 -7.70
C CYS A 3 38.11 13.12 -7.50
N VAL A 4 38.68 13.88 -8.44
CA VAL A 4 38.74 15.32 -8.25
C VAL A 4 37.35 15.92 -8.36
N GLY A 5 37.04 16.85 -7.47
CA GLY A 5 35.72 17.44 -7.41
C GLY A 5 34.66 16.59 -6.74
N ILE A 6 35.03 15.44 -6.19
CA ILE A 6 34.07 14.58 -5.50
C ILE A 6 33.86 15.11 -4.10
N GLY A 7 32.60 15.32 -3.72
CA GLY A 7 32.26 15.91 -2.44
C GLY A 7 32.84 15.16 -1.26
N ASN A 8 32.45 13.90 -1.10
CA ASN A 8 32.99 13.07 -0.03
C ASN A 8 34.33 12.52 -0.49
N ARG A 9 35.39 13.26 -0.22
CA ARG A 9 36.75 12.86 -0.57
C ARG A 9 37.67 13.04 0.64
N ASP A 10 38.24 11.95 1.11
CA ASP A 10 39.17 11.97 2.22
C ASP A 10 40.60 11.99 1.72
N PHE A 11 41.43 12.81 2.36
CA PHE A 11 42.86 12.85 2.08
C PHE A 11 43.57 12.06 3.15
N VAL A 12 44.07 10.89 2.79
CA VAL A 12 44.86 10.05 3.70
C VAL A 12 46.29 10.07 3.19
N GLU A 13 47.19 10.66 3.98
CA GLU A 13 48.61 10.71 3.64
C GLU A 13 49.35 9.68 4.46
N GLY A 14 50.15 8.85 3.80
CA GLY A 14 50.94 7.87 4.51
C GLY A 14 52.02 8.48 5.36
N LEU A 15 52.48 7.72 6.34
CA LEU A 15 53.55 8.24 7.19
C LEU A 15 54.89 8.13 6.48
N SER A 16 55.86 8.89 6.97
CA SER A 16 57.20 8.87 6.39
C SER A 16 57.75 7.46 6.42
N GLY A 17 58.32 7.04 5.30
CA GLY A 17 58.90 5.70 5.21
C GLY A 17 57.93 4.60 5.58
N ALA A 18 56.65 4.79 5.27
CA ALA A 18 55.65 3.75 5.45
C ALA A 18 55.46 3.06 4.11
N THR A 19 55.71 1.75 4.08
CA THR A 19 55.44 0.97 2.88
C THR A 19 53.95 0.76 2.66
N TRP A 20 53.14 0.85 3.72
CA TRP A 20 51.71 0.62 3.64
C TRP A 20 50.93 1.83 4.15
N VAL A 21 49.64 1.82 3.85
CA VAL A 21 48.72 2.92 4.19
C VAL A 21 47.35 2.33 4.48
N ASP A 22 46.72 2.78 5.56
CA ASP A 22 45.34 2.39 5.87
C ASP A 22 44.36 3.28 5.13
N VAL A 23 43.21 2.72 4.78
CA VAL A 23 42.21 3.43 4.01
C VAL A 23 40.84 2.89 4.37
N VAL A 24 39.84 3.76 4.32
CA VAL A 24 38.45 3.41 4.56
C VAL A 24 37.67 3.72 3.29
N LEU A 25 36.87 2.76 2.84
CA LEU A 25 36.16 2.88 1.57
C LEU A 25 34.67 2.74 1.80
N GLU A 26 33.91 3.75 1.35
CA GLU A 26 32.47 3.68 1.22
C GLU A 26 32.12 4.20 -0.17
N HIS A 27 31.01 3.72 -0.72
CA HIS A 27 30.63 4.22 -2.03
C HIS A 27 30.22 5.70 -1.95
N GLY A 28 30.50 6.44 -3.02
CA GLY A 28 30.40 7.88 -3.04
C GLY A 28 31.55 8.58 -2.35
N SER A 29 32.34 7.87 -1.57
CA SER A 29 33.54 8.42 -0.94
C SER A 29 34.76 7.83 -1.62
N CYS A 30 35.67 8.69 -2.05
CA CYS A 30 36.94 8.28 -2.62
C CYS A 30 38.08 8.86 -1.82
N VAL A 31 39.18 8.13 -1.74
CA VAL A 31 40.33 8.51 -0.92
C VAL A 31 41.54 8.69 -1.81
N THR A 32 42.25 9.81 -1.61
CA THR A 32 43.52 10.09 -2.28
C THR A 32 44.64 9.72 -1.31
N THR A 33 45.39 8.67 -1.65
CA THR A 33 46.43 8.13 -0.80
C THR A 33 47.79 8.50 -1.37
N MET A 34 48.63 9.16 -0.58
CA MET A 34 49.95 9.54 -1.04
C MET A 34 51.00 9.12 -0.01
N ALA A 35 52.10 8.57 -0.49
CA ALA A 35 53.22 8.17 0.35
C ALA A 35 54.51 8.72 -0.26
N LYS A 36 55.49 8.97 0.60
CA LYS A 36 56.75 9.55 0.15
C LYS A 36 57.44 8.65 -0.85
N ASN A 37 57.96 9.26 -1.91
CA ASN A 37 58.65 8.56 -3.00
C ASN A 37 57.79 7.49 -3.64
N LYS A 38 56.47 7.62 -3.53
CA LYS A 38 55.53 6.65 -4.05
C LYS A 38 54.40 7.37 -4.77
N PRO A 39 53.81 6.74 -5.78
CA PRO A 39 52.81 7.44 -6.59
C PRO A 39 51.57 7.75 -5.78
N THR A 40 51.02 8.94 -6.01
CA THR A 40 49.74 9.29 -5.39
C THR A 40 48.62 8.56 -6.11
N LEU A 41 47.79 7.87 -5.35
CA LEU A 41 46.74 7.01 -5.86
C LEU A 41 45.38 7.55 -5.48
N ASP A 42 44.37 7.20 -6.27
CA ASP A 42 42.97 7.48 -5.98
C ASP A 42 42.25 6.15 -5.89
N ILE A 43 41.68 5.86 -4.73
CA ILE A 43 41.00 4.60 -4.49
C ILE A 43 39.52 4.89 -4.28
N GLU A 44 38.68 4.17 -5.02
CA GLU A 44 37.24 4.28 -4.87
C GLU A 44 36.64 2.89 -4.87
N LEU A 45 35.54 2.74 -4.13
CA LEU A 45 34.80 1.47 -4.09
C LEU A 45 33.69 1.55 -5.14
N LEU A 46 33.96 1.00 -6.33
CA LEU A 46 33.08 1.22 -7.47
C LEU A 46 31.72 0.56 -7.28
N LYS A 47 31.69 -0.74 -7.04
CA LYS A 47 30.40 -1.40 -6.92
C LYS A 47 30.58 -2.68 -6.12
N THR A 48 29.51 -3.09 -5.47
CA THR A 48 29.42 -4.39 -4.82
C THR A 48 28.46 -5.26 -5.60
N GLU A 49 28.75 -6.56 -5.65
CA GLU A 49 27.92 -7.51 -6.37
C GLU A 49 27.65 -8.72 -5.48
N VAL A 50 26.44 -9.26 -5.60
CA VAL A 50 26.06 -10.47 -4.89
C VAL A 50 25.82 -11.56 -5.94
N THR A 51 26.52 -12.68 -5.80
CA THR A 51 26.50 -13.74 -6.80
C THR A 51 25.87 -14.99 -6.20
N ASN A 52 25.10 -15.70 -7.01
CA ASN A 52 24.41 -16.92 -6.59
C ASN A 52 23.61 -16.70 -5.30
N PRO A 53 22.71 -15.72 -5.26
CA PRO A 53 22.01 -15.42 -4.01
C PRO A 53 21.03 -16.54 -3.68
N ALA A 54 21.00 -16.93 -2.41
CA ALA A 54 20.14 -18.03 -2.01
C ALA A 54 18.71 -17.53 -1.89
N VAL A 55 17.74 -18.36 -2.27
CA VAL A 55 16.34 -17.94 -2.24
C VAL A 55 15.80 -18.17 -0.84
N LEU A 56 15.35 -17.10 -0.18
CA LEU A 56 14.83 -17.23 1.18
C LEU A 56 13.33 -17.49 1.18
N ARG A 57 12.59 -16.71 0.41
CA ARG A 57 11.15 -16.85 0.35
C ARG A 57 10.67 -16.48 -1.05
N LYS A 58 9.36 -16.48 -1.21
CA LYS A 58 8.78 -16.04 -2.47
C LYS A 58 7.40 -15.52 -2.16
N LEU A 59 7.22 -14.20 -2.20
CA LEU A 59 5.94 -13.61 -1.86
C LEU A 59 5.10 -13.39 -3.13
N CYS A 60 3.79 -13.52 -2.97
CA CYS A 60 2.84 -13.25 -4.03
C CYS A 60 2.26 -11.85 -3.88
N ILE A 61 2.15 -11.14 -5.00
CA ILE A 61 1.67 -9.77 -4.94
C ILE A 61 0.36 -9.64 -5.69
N GLU A 62 0.13 -10.49 -6.67
CA GLU A 62 -1.12 -10.46 -7.41
C GLU A 62 -1.66 -11.87 -7.50
N ALA A 63 -2.93 -12.05 -7.11
CA ALA A 63 -3.55 -13.36 -7.11
C ALA A 63 -4.83 -13.33 -7.93
N LYS A 64 -5.26 -14.51 -8.35
CA LYS A 64 -6.44 -14.64 -9.18
C LYS A 64 -7.22 -15.87 -8.70
N ILE A 65 -8.54 -15.84 -8.88
CA ILE A 65 -9.42 -16.89 -8.37
C ILE A 65 -10.22 -17.52 -9.50
N SER A 66 -10.73 -18.71 -9.24
CA SER A 66 -11.52 -19.46 -10.21
C SER A 66 -12.15 -20.64 -9.50
N ASN A 67 -12.99 -21.35 -10.23
CA ASN A 67 -13.66 -22.55 -9.76
C ASN A 67 -14.16 -22.33 -8.33
N THR A 68 -14.98 -21.29 -8.20
CA THR A 68 -15.62 -20.93 -6.94
C THR A 68 -16.63 -22.01 -6.56
N THR A 69 -16.34 -22.78 -5.52
CA THR A 69 -17.26 -23.80 -5.04
C THR A 69 -17.78 -23.44 -3.65
N THR A 70 -19.00 -23.89 -3.37
CA THR A 70 -19.69 -23.51 -2.15
C THR A 70 -20.56 -24.68 -1.69
N ASP A 71 -20.62 -24.89 -0.38
CA ASP A 71 -21.47 -25.88 0.25
C ASP A 71 -22.28 -25.23 1.36
N SER A 72 -23.56 -25.60 1.44
CA SER A 72 -24.49 -24.99 2.38
C SER A 72 -25.30 -26.06 3.08
N ARG A 73 -25.53 -25.87 4.37
CA ARG A 73 -26.21 -26.85 5.20
C ARG A 73 -27.41 -26.23 5.89
N CYS A 74 -28.47 -27.03 6.03
CA CYS A 74 -29.57 -26.67 6.91
C CYS A 74 -29.13 -26.84 8.36
N PRO A 75 -29.78 -26.13 9.28
CA PRO A 75 -29.40 -26.26 10.70
C PRO A 75 -29.54 -27.71 11.15
N THR A 76 -28.61 -28.11 12.03
CA THR A 76 -28.55 -29.48 12.54
C THR A 76 -28.41 -30.53 11.43
N GLN A 77 -27.89 -30.14 10.27
CA GLN A 77 -27.56 -31.09 9.22
C GLN A 77 -26.05 -31.19 9.00
N GLY A 78 -25.26 -30.81 9.99
CA GLY A 78 -23.81 -30.83 9.89
C GLY A 78 -23.24 -29.47 9.56
N GLU A 79 -21.94 -29.48 9.32
CA GLU A 79 -21.20 -28.28 8.92
C GLU A 79 -20.67 -28.51 7.51
N ALA A 80 -20.85 -27.52 6.64
CA ALA A 80 -20.58 -27.69 5.22
C ALA A 80 -19.15 -28.13 4.97
N THR A 81 -19.00 -29.19 4.19
CA THR A 81 -17.70 -29.77 3.85
C THR A 81 -17.52 -29.77 2.34
N LEU A 82 -16.28 -29.54 1.91
CA LEU A 82 -15.92 -29.58 0.50
C LEU A 82 -14.56 -30.25 0.36
N VAL A 83 -14.36 -30.96 -0.74
CA VAL A 83 -13.08 -31.59 -0.96
C VAL A 83 -12.01 -30.54 -1.23
N GLU A 84 -12.43 -29.37 -1.73
CA GLU A 84 -11.51 -28.27 -1.96
C GLU A 84 -10.86 -27.80 -0.68
N GLU A 85 -11.53 -27.98 0.46
CA GLU A 85 -10.95 -27.67 1.76
C GLU A 85 -9.69 -28.48 2.03
N GLN A 86 -9.55 -29.64 1.39
CA GLN A 86 -8.38 -30.49 1.57
C GLN A 86 -7.21 -30.04 0.71
N ASP A 87 -7.45 -29.21 -0.30
CA ASP A 87 -6.42 -28.81 -1.25
C ASP A 87 -5.71 -27.54 -0.78
N ALA A 88 -4.37 -27.56 -0.85
CA ALA A 88 -3.60 -26.40 -0.44
C ALA A 88 -3.74 -25.25 -1.44
N ASN A 89 -4.04 -25.57 -2.71
CA ASN A 89 -4.22 -24.53 -3.72
C ASN A 89 -5.50 -23.73 -3.49
N PHE A 90 -6.43 -24.25 -2.69
CA PHE A 90 -7.72 -23.63 -2.49
C PHE A 90 -7.75 -22.87 -1.17
N VAL A 91 -8.30 -21.67 -1.19
CA VAL A 91 -8.52 -20.92 0.05
C VAL A 91 -10.01 -20.94 0.38
N CYS A 92 -10.31 -21.15 1.66
CA CYS A 92 -11.66 -21.45 2.08
C CYS A 92 -12.07 -20.58 3.26
N ARG A 93 -13.37 -20.60 3.55
CA ARG A 93 -13.92 -19.91 4.71
C ARG A 93 -15.27 -20.51 5.09
N ARG A 94 -15.45 -20.75 6.38
CA ARG A 94 -16.71 -21.20 6.94
C ARG A 94 -17.36 -20.04 7.69
N THR A 95 -18.68 -20.02 7.68
CA THR A 95 -19.43 -19.04 8.44
C THR A 95 -20.79 -19.64 8.81
N VAL A 96 -21.51 -18.91 9.66
CA VAL A 96 -22.85 -19.31 10.10
C VAL A 96 -23.83 -18.23 9.64
N VAL A 97 -24.95 -18.67 9.06
CA VAL A 97 -25.96 -17.77 8.55
C VAL A 97 -27.32 -18.12 9.15
N ASP A 98 -28.21 -17.13 9.16
CA ASP A 98 -29.57 -17.34 9.63
C ASP A 98 -30.34 -18.16 8.61
N ARG A 99 -30.88 -19.31 9.04
CA ARG A 99 -31.63 -20.20 8.16
C ARG A 99 -33.05 -20.36 8.69
N GLY A 100 -33.98 -20.45 7.76
CA GLY A 100 -35.36 -20.69 8.13
C GLY A 100 -36.17 -21.12 6.93
N TRP A 101 -37.48 -20.91 7.01
CA TRP A 101 -38.34 -21.24 5.89
C TRP A 101 -38.12 -20.30 4.71
N GLY A 102 -37.52 -19.14 4.92
CA GLY A 102 -37.31 -18.20 3.84
C GLY A 102 -36.19 -18.55 2.89
N ASN A 103 -35.26 -19.42 3.31
CA ASN A 103 -34.09 -19.74 2.50
C ASN A 103 -33.93 -21.24 2.30
N GLY A 104 -35.06 -21.98 2.24
CA GLY A 104 -35.05 -23.35 1.78
C GLY A 104 -35.04 -24.42 2.85
N CYS A 105 -34.77 -24.08 4.11
CA CYS A 105 -34.71 -25.06 5.17
C CYS A 105 -36.03 -25.16 5.92
N GLY A 106 -36.24 -26.32 6.55
CA GLY A 106 -37.41 -26.54 7.37
C GLY A 106 -37.25 -26.17 8.83
N LEU A 107 -36.03 -25.88 9.26
CA LEU A 107 -35.75 -25.50 10.64
C LEU A 107 -35.09 -24.14 10.69
N PHE A 108 -35.36 -23.40 11.76
CA PHE A 108 -34.79 -22.08 12.00
C PHE A 108 -33.56 -22.20 12.89
N GLY A 109 -32.47 -21.55 12.50
CA GLY A 109 -31.27 -21.59 13.32
C GLY A 109 -30.05 -21.06 12.59
N LYS A 110 -28.89 -21.60 12.97
CA LYS A 110 -27.62 -21.23 12.36
C LYS A 110 -27.19 -22.36 11.43
N GLY A 111 -27.15 -22.07 10.14
CA GLY A 111 -26.71 -23.04 9.14
C GLY A 111 -25.29 -22.74 8.70
N SER A 112 -24.55 -23.80 8.41
CA SER A 112 -23.15 -23.68 8.04
C SER A 112 -23.02 -23.31 6.56
N LEU A 113 -21.93 -22.60 6.25
CA LEU A 113 -21.69 -22.10 4.89
C LEU A 113 -20.18 -22.16 4.64
N LEU A 114 -19.75 -23.03 3.73
CA LEU A 114 -18.34 -23.15 3.38
C LEU A 114 -18.14 -22.71 1.95
N THR A 115 -17.10 -21.91 1.71
CA THR A 115 -16.79 -21.47 0.36
C THR A 115 -15.31 -21.61 0.11
N CYS A 116 -14.95 -22.20 -1.03
CA CYS A 116 -13.55 -22.35 -1.42
C CYS A 116 -13.34 -21.78 -2.81
N ALA A 117 -12.15 -21.21 -2.99
CA ALA A 117 -11.69 -20.65 -4.24
C ALA A 117 -10.33 -21.25 -4.59
N LYS A 118 -9.95 -21.07 -5.85
CA LYS A 118 -8.70 -21.59 -6.42
C LYS A 118 -7.68 -20.46 -6.43
N PHE A 119 -6.76 -20.53 -5.47
CA PHE A 119 -5.76 -19.49 -5.27
C PHE A 119 -4.58 -19.75 -6.20
N LYS A 120 -4.42 -18.90 -7.20
CA LYS A 120 -3.27 -18.95 -8.08
C LYS A 120 -2.62 -17.57 -8.12
N CYS A 121 -1.30 -17.54 -8.14
CA CYS A 121 -0.53 -16.31 -8.17
C CYS A 121 -0.02 -16.07 -9.59
N VAL A 122 -0.37 -14.92 -10.16
CA VAL A 122 0.04 -14.58 -11.52
C VAL A 122 1.35 -13.80 -11.53
N THR A 123 1.49 -12.79 -10.67
CA THR A 123 2.72 -12.03 -10.55
C THR A 123 3.17 -12.05 -9.10
N LYS A 124 4.46 -12.32 -8.90
CA LYS A 124 5.07 -12.52 -7.59
C LYS A 124 6.47 -11.93 -7.60
N LEU A 125 6.96 -11.58 -6.42
CA LEU A 125 8.33 -11.08 -6.26
C LEU A 125 9.21 -12.18 -5.69
N GLU A 126 10.45 -11.83 -5.33
CA GLU A 126 11.34 -12.81 -4.78
C GLU A 126 12.25 -12.16 -3.75
N GLY A 127 12.44 -12.86 -2.64
CA GLY A 127 13.39 -12.45 -1.63
C GLY A 127 14.56 -13.42 -1.54
N LYS A 128 15.79 -12.91 -1.57
CA LYS A 128 16.97 -13.76 -1.59
C LYS A 128 17.87 -13.39 -0.43
N ILE A 129 18.17 -14.37 0.41
CA ILE A 129 19.20 -14.18 1.42
C ILE A 129 20.55 -14.09 0.75
N VAL A 130 21.29 -13.03 1.07
CA VAL A 130 22.67 -12.86 0.65
C VAL A 130 23.55 -13.32 1.80
N GLN A 131 24.38 -14.32 1.53
CA GLN A 131 25.29 -14.81 2.55
C GLN A 131 26.61 -14.03 2.50
N TYR A 132 27.30 -14.00 3.65
CA TYR A 132 28.55 -13.26 3.74
C TYR A 132 29.57 -13.75 2.72
N GLU A 133 29.57 -15.04 2.40
CA GLU A 133 30.54 -15.62 1.49
C GLU A 133 30.31 -15.24 0.03
N ASN A 134 29.18 -14.60 -0.29
CA ASN A 134 28.80 -14.36 -1.66
C ASN A 134 29.02 -12.92 -2.11
N LEU A 135 29.71 -12.11 -1.31
CA LEU A 135 29.99 -10.73 -1.65
C LEU A 135 31.25 -10.62 -2.50
N LYS A 136 31.29 -9.59 -3.36
CA LYS A 136 32.42 -9.36 -4.26
C LYS A 136 32.51 -7.86 -4.51
N TYR A 137 33.38 -7.19 -3.75
CA TYR A 137 33.59 -5.76 -3.93
C TYR A 137 34.54 -5.50 -5.09
N SER A 138 34.22 -4.50 -5.89
CA SER A 138 35.08 -4.05 -6.98
C SER A 138 35.64 -2.69 -6.60
N VAL A 139 36.96 -2.61 -6.43
CA VAL A 139 37.63 -1.38 -6.05
C VAL A 139 38.50 -0.92 -7.21
N ILE A 140 38.36 0.36 -7.58
CA ILE A 140 39.13 0.94 -8.67
C ILE A 140 40.26 1.76 -8.06
N VAL A 141 41.46 1.58 -8.61
CA VAL A 141 42.65 2.32 -8.18
C VAL A 141 43.21 3.01 -9.41
N THR A 142 43.27 4.34 -9.35
CA THR A 142 43.74 5.16 -10.46
C THR A 142 45.01 5.89 -10.03
N VAL A 143 46.06 5.77 -10.83
CA VAL A 143 47.34 6.40 -10.50
C VAL A 143 47.34 7.83 -11.02
N HIS A 144 47.95 8.73 -10.25
CA HIS A 144 48.05 10.14 -10.64
C HIS A 144 49.10 10.27 -11.73
N THR A 145 48.71 9.93 -12.95
CA THR A 145 49.62 10.01 -14.09
C THR A 145 49.77 11.44 -14.57
N GLY A 146 48.65 12.10 -14.86
CA GLY A 146 48.66 13.49 -15.26
C GLY A 146 48.14 13.71 -16.66
N ASP A 147 47.60 12.67 -17.29
CA ASP A 147 47.09 12.83 -18.64
C ASP A 147 45.92 13.80 -18.66
N GLN A 148 45.76 14.50 -19.79
CA GLN A 148 44.76 15.55 -19.89
C GLN A 148 43.34 15.01 -19.89
N HIS A 149 43.15 13.73 -20.24
CA HIS A 149 41.78 13.22 -20.32
C HIS A 149 41.26 12.77 -18.97
N GLN A 150 42.09 12.12 -18.15
CA GLN A 150 41.59 11.55 -16.90
C GLN A 150 41.82 12.53 -15.75
N VAL A 151 40.86 13.44 -15.57
CA VAL A 151 40.80 14.29 -14.38
C VAL A 151 39.71 13.77 -13.47
N GLY A 152 38.46 13.79 -13.96
CA GLY A 152 37.35 13.14 -13.28
C GLY A 152 36.59 12.31 -14.28
N ASN A 153 37.34 11.64 -15.17
CA ASN A 153 36.76 11.00 -16.35
C ASN A 153 35.68 9.98 -15.99
N GLU A 154 35.76 9.39 -14.79
CA GLU A 154 34.78 8.43 -14.26
C GLU A 154 34.75 7.13 -15.06
N THR A 155 35.62 6.96 -16.04
CA THR A 155 35.70 5.73 -16.81
C THR A 155 36.51 4.69 -16.04
N THR A 156 36.31 3.43 -16.40
CA THR A 156 37.03 2.34 -15.76
C THR A 156 38.31 1.95 -16.48
N GLU A 157 38.47 2.37 -17.73
CA GLU A 157 39.64 1.99 -18.52
C GLU A 157 40.86 2.85 -18.23
N HIS A 158 40.82 3.70 -17.20
CA HIS A 158 41.97 4.50 -16.81
C HIS A 158 42.76 3.82 -15.69
N GLY A 159 42.11 3.57 -14.56
CA GLY A 159 42.72 2.84 -13.47
C GLY A 159 42.61 1.34 -13.67
N THR A 160 42.80 0.60 -12.59
CA THR A 160 42.67 -0.85 -12.62
C THR A 160 41.73 -1.30 -11.51
N ILE A 161 40.94 -2.32 -11.82
CA ILE A 161 39.89 -2.81 -10.93
C ILE A 161 40.36 -4.09 -10.26
N ALA A 162 40.23 -4.14 -8.94
CA ALA A 162 40.54 -5.33 -8.16
C ALA A 162 39.26 -5.84 -7.51
N THR A 163 39.02 -7.14 -7.62
CA THR A 163 37.88 -7.77 -6.98
C THR A 163 38.33 -8.39 -5.66
N ILE A 164 37.59 -8.12 -4.59
CA ILE A 164 37.92 -8.60 -3.26
C ILE A 164 36.68 -9.19 -2.61
N THR A 165 36.79 -10.42 -2.14
CA THR A 165 35.71 -11.17 -1.53
C THR A 165 36.11 -11.60 -0.13
N PRO A 166 35.14 -11.92 0.73
CA PRO A 166 35.51 -12.47 2.06
C PRO A 166 36.28 -13.77 1.96
N GLN A 167 36.11 -14.52 0.88
CA GLN A 167 36.89 -15.74 0.70
C GLN A 167 38.33 -15.41 0.35
N ALA A 168 38.55 -14.42 -0.51
CA ALA A 168 39.88 -13.95 -0.89
C ALA A 168 39.97 -12.46 -0.55
N PRO A 169 40.19 -12.13 0.71
CA PRO A 169 40.17 -10.70 1.12
C PRO A 169 41.41 -9.93 0.71
N THR A 170 42.53 -10.59 0.45
CA THR A 170 43.76 -9.93 0.04
C THR A 170 44.01 -10.19 -1.44
N SER A 171 44.59 -9.20 -2.13
CA SER A 171 44.83 -9.33 -3.56
C SER A 171 45.97 -8.42 -4.00
N GLU A 172 46.76 -8.89 -4.95
CA GLU A 172 47.85 -8.12 -5.54
C GLU A 172 47.38 -7.57 -6.88
N ILE A 173 47.35 -6.25 -7.00
CA ILE A 173 46.88 -5.58 -8.20
C ILE A 173 48.10 -5.08 -8.98
N GLN A 174 48.14 -5.40 -10.27
CA GLN A 174 49.25 -4.99 -11.14
C GLN A 174 48.85 -3.71 -11.85
N LEU A 175 49.42 -2.59 -11.42
CA LEU A 175 49.20 -1.30 -12.05
C LEU A 175 50.24 -1.10 -13.15
N THR A 176 49.77 -0.89 -14.39
CA THR A 176 50.68 -0.78 -15.52
C THR A 176 51.62 0.41 -15.32
N ASP A 177 52.89 0.20 -15.66
CA ASP A 177 53.97 1.18 -15.57
C ASP A 177 54.21 1.67 -14.15
N TYR A 178 53.58 1.05 -13.15
CA TYR A 178 53.79 1.45 -11.77
C TYR A 178 53.97 0.27 -10.82
N GLY A 179 53.91 -0.96 -11.30
CA GLY A 179 54.29 -2.10 -10.51
C GLY A 179 53.16 -2.89 -9.88
N THR A 180 53.38 -3.35 -8.66
CA THR A 180 52.46 -4.23 -7.97
C THR A 180 52.10 -3.61 -6.63
N LEU A 181 50.82 -3.65 -6.29
CA LEU A 181 50.31 -3.10 -5.04
C LEU A 181 49.50 -4.17 -4.33
N THR A 182 49.88 -4.48 -3.08
CA THR A 182 49.15 -5.46 -2.29
C THR A 182 48.03 -4.75 -1.53
N LEU A 183 46.87 -5.39 -1.47
CA LEU A 183 45.69 -4.80 -0.86
C LEU A 183 45.07 -5.83 0.08
N ASP A 184 45.17 -5.57 1.39
CA ASP A 184 44.62 -6.45 2.43
C ASP A 184 43.37 -5.81 2.98
N CYS A 185 42.22 -6.42 2.74
CA CYS A 185 40.94 -5.82 3.08
C CYS A 185 40.27 -6.67 4.13
N SER A 186 39.54 -6.03 5.06
CA SER A 186 38.79 -6.73 6.10
C SER A 186 37.33 -6.30 6.02
N PRO A 187 36.50 -7.02 5.27
CA PRO A 187 35.08 -6.66 5.18
C PRO A 187 34.33 -6.98 6.47
N ARG A 188 33.45 -6.07 6.86
CA ARG A 188 32.57 -6.24 8.00
C ARG A 188 31.14 -6.50 7.50
N THR A 189 30.19 -6.52 8.45
CA THR A 189 28.85 -7.08 8.22
C THR A 189 28.26 -6.70 6.86
N GLY A 190 28.03 -5.41 6.63
CA GLY A 190 27.44 -4.96 5.38
C GLY A 190 26.03 -5.50 5.14
N GLU A 195 21.68 -11.55 6.91
CA GLU A 195 20.84 -10.74 7.80
C GLU A 195 20.13 -9.64 6.98
N MET A 196 20.48 -9.52 5.70
CA MET A 196 19.79 -8.61 4.79
C MET A 196 19.39 -9.36 3.53
N VAL A 197 18.29 -8.91 2.91
CA VAL A 197 17.63 -9.62 1.82
C VAL A 197 17.64 -8.75 0.57
N LEU A 198 17.75 -9.42 -0.57
CA LEU A 198 17.74 -8.80 -1.89
C LEU A 198 16.44 -9.19 -2.59
N LEU A 199 15.59 -8.21 -2.87
CA LEU A 199 14.20 -8.45 -3.25
C LEU A 199 14.03 -8.18 -4.76
N THR A 200 14.32 -9.19 -5.56
CA THR A 200 14.12 -9.08 -7.00
C THR A 200 12.62 -9.16 -7.27
N MET A 201 12.01 -8.02 -7.56
CA MET A 201 10.60 -8.00 -7.91
C MET A 201 10.47 -7.45 -9.31
N LYS A 202 9.97 -8.28 -10.23
CA LYS A 202 9.60 -7.90 -11.58
C LYS A 202 10.62 -6.95 -12.19
N GLU A 203 11.85 -7.46 -12.33
CA GLU A 203 13.02 -6.90 -13.00
C GLU A 203 13.76 -5.82 -12.19
N LYS A 204 13.22 -5.37 -11.06
CA LYS A 204 13.94 -4.39 -10.26
C LYS A 204 14.72 -5.12 -9.17
N SER A 205 15.32 -4.37 -8.26
CA SER A 205 16.15 -4.96 -7.23
C SER A 205 16.20 -4.00 -6.06
N TRP A 206 16.08 -4.52 -4.85
CA TRP A 206 16.18 -3.69 -3.67
C TRP A 206 16.94 -4.47 -2.60
N LEU A 207 17.47 -3.73 -1.62
CA LEU A 207 18.19 -4.35 -0.51
C LEU A 207 17.53 -3.86 0.77
N VAL A 208 16.89 -4.78 1.48
CA VAL A 208 16.10 -4.45 2.67
C VAL A 208 16.55 -5.34 3.82
N HIS A 209 16.02 -5.04 5.01
CA HIS A 209 16.36 -5.83 6.18
C HIS A 209 15.56 -7.13 6.19
N LYS A 210 16.09 -8.12 6.92
CA LYS A 210 15.46 -9.42 6.92
C LYS A 210 14.13 -9.39 7.70
N GLN A 211 14.11 -8.73 8.85
CA GLN A 211 12.88 -8.67 9.63
C GLN A 211 11.79 -7.90 8.89
N TRP A 212 12.16 -6.79 8.24
CA TRP A 212 11.18 -6.05 7.46
C TRP A 212 10.61 -6.89 6.33
N PHE A 213 11.43 -7.78 5.76
CA PHE A 213 10.97 -8.59 4.65
C PHE A 213 10.09 -9.74 5.13
N LEU A 214 10.39 -10.31 6.30
CA LEU A 214 9.58 -11.41 6.81
C LEU A 214 8.23 -10.94 7.35
N ASP A 215 8.16 -9.71 7.85
CA ASP A 215 6.90 -9.18 8.36
C ASP A 215 6.03 -8.59 7.26
N LEU A 216 6.39 -8.79 5.99
CA LEU A 216 5.57 -8.28 4.91
C LEU A 216 4.23 -9.01 4.85
N PRO A 217 3.11 -8.29 4.85
CA PRO A 217 1.79 -8.92 4.73
C PRO A 217 1.51 -9.39 3.30
N LEU A 218 2.13 -10.51 2.92
CA LEU A 218 1.95 -11.07 1.60
C LEU A 218 1.97 -12.59 1.69
N PRO A 219 1.20 -13.29 0.85
CA PRO A 219 1.29 -14.74 0.81
C PRO A 219 2.67 -15.17 0.33
N TRP A 220 3.23 -16.17 0.98
CA TRP A 220 4.61 -16.55 0.71
C TRP A 220 4.76 -18.06 0.58
N THR A 221 5.87 -18.45 -0.03
CA THR A 221 6.26 -19.85 -0.14
C THR A 221 7.74 -19.99 0.19
N SER A 222 8.07 -21.13 0.80
CA SER A 222 9.45 -21.47 1.12
C SER A 222 10.26 -21.70 -0.14
N GLY A 223 11.57 -21.52 -0.01
CA GLY A 223 12.47 -21.68 -1.12
C GLY A 223 12.90 -23.12 -1.36
N ALA A 224 11.93 -24.03 -1.41
CA ALA A 224 12.19 -25.44 -1.68
C ALA A 224 11.11 -26.00 -2.59
N SER A 225 11.50 -26.95 -3.44
CA SER A 225 10.58 -27.53 -4.42
C SER A 225 9.96 -28.83 -3.91
N GLN A 228 6.42 -27.25 -2.86
CA GLN A 228 5.40 -27.66 -3.83
C GLN A 228 4.60 -26.39 -4.19
N GLU A 229 5.11 -25.23 -3.78
CA GLU A 229 4.45 -23.94 -3.96
C GLU A 229 3.11 -23.90 -3.22
N THR A 230 3.19 -24.11 -1.91
CA THR A 230 2.05 -23.98 -1.02
C THR A 230 2.08 -22.60 -0.38
N TRP A 231 1.08 -21.78 -0.68
CA TRP A 231 1.06 -20.38 -0.26
C TRP A 231 0.45 -20.26 1.13
N ASN A 232 1.22 -19.77 2.08
CA ASN A 232 0.73 -19.52 3.42
C ASN A 232 0.11 -18.13 3.50
N ARG A 233 -0.86 -17.98 4.40
CA ARG A 233 -1.55 -16.71 4.63
C ARG A 233 -2.13 -16.19 3.31
N GLN A 234 -2.96 -17.03 2.68
CA GLN A 234 -3.57 -16.70 1.40
C GLN A 234 -4.68 -15.66 1.52
N ASP A 235 -5.28 -15.53 2.70
CA ASP A 235 -6.34 -14.54 2.90
C ASP A 235 -5.85 -13.10 2.78
N LEU A 236 -4.53 -12.87 2.73
CA LEU A 236 -4.02 -11.52 2.57
C LEU A 236 -4.31 -10.94 1.19
N LEU A 237 -4.58 -11.78 0.20
CA LEU A 237 -4.93 -11.32 -1.14
C LEU A 237 -6.35 -11.63 -1.55
N VAL A 238 -7.03 -12.56 -0.88
CA VAL A 238 -8.36 -12.99 -1.27
C VAL A 238 -9.22 -12.94 -0.02
N THR A 239 -10.33 -12.20 -0.09
CA THR A 239 -11.28 -12.12 1.01
C THR A 239 -12.65 -12.61 0.56
N PHE A 240 -13.53 -12.75 1.54
CA PHE A 240 -14.80 -13.45 1.38
C PHE A 240 -15.92 -12.55 1.86
N LYS A 241 -16.83 -12.19 0.96
CA LYS A 241 -17.97 -11.34 1.27
C LYS A 241 -19.23 -12.19 1.26
N THR A 242 -19.96 -12.20 2.37
CA THR A 242 -21.17 -13.01 2.49
C THR A 242 -22.30 -12.37 1.68
N ALA A 243 -22.66 -12.95 0.54
CA ALA A 243 -23.76 -12.39 -0.23
C ALA A 243 -25.08 -12.65 0.47
N HIS A 244 -25.34 -13.91 0.77
CA HIS A 244 -26.56 -14.34 1.44
C HIS A 244 -26.33 -15.78 1.88
N ALA A 245 -27.36 -16.39 2.48
CA ALA A 245 -27.19 -17.66 3.18
C ALA A 245 -26.79 -18.80 2.26
N LYS A 246 -26.96 -18.66 0.95
CA LYS A 246 -26.58 -19.71 0.01
C LYS A 246 -25.37 -19.34 -0.87
N LYS A 247 -24.77 -18.18 -0.71
CA LYS A 247 -23.48 -17.92 -1.35
C LYS A 247 -22.62 -16.90 -0.60
N GLN A 248 -21.37 -17.27 -0.44
CA GLN A 248 -20.32 -16.40 0.07
C GLN A 248 -19.37 -16.17 -1.11
N GLU A 249 -19.41 -14.97 -1.67
CA GLU A 249 -18.67 -14.69 -2.90
C GLU A 249 -17.24 -14.26 -2.57
N VAL A 250 -16.32 -14.61 -3.48
CA VAL A 250 -14.90 -14.32 -3.30
C VAL A 250 -14.60 -12.98 -3.93
N VAL A 251 -13.63 -12.27 -3.38
CA VAL A 251 -13.15 -11.04 -3.97
C VAL A 251 -11.63 -10.98 -3.77
N VAL A 252 -10.94 -10.51 -4.81
CA VAL A 252 -9.48 -10.46 -4.83
C VAL A 252 -9.03 -9.02 -4.62
N LEU A 253 -7.98 -8.84 -3.84
CA LEU A 253 -7.52 -7.50 -3.51
C LEU A 253 -6.85 -6.82 -4.70
N GLY A 254 -6.15 -7.58 -5.53
CA GLY A 254 -5.49 -7.01 -6.70
C GLY A 254 -4.01 -6.82 -6.50
N SER A 255 -3.36 -6.31 -7.54
CA SER A 255 -1.91 -6.21 -7.58
C SER A 255 -1.39 -5.31 -6.47
N GLN A 256 -0.54 -5.87 -5.61
CA GLN A 256 0.10 -5.10 -4.56
C GLN A 256 1.43 -4.51 -4.98
N GLU A 257 1.69 -4.41 -6.29
CA GLU A 257 2.90 -3.73 -6.77
C GLU A 257 3.03 -2.34 -6.18
N GLY A 258 2.06 -1.47 -6.46
CA GLY A 258 2.15 -0.10 -6.01
C GLY A 258 2.40 0.01 -4.52
N ALA A 259 1.76 -0.88 -3.75
CA ALA A 259 2.01 -0.90 -2.31
C ALA A 259 3.48 -1.22 -2.02
N MET A 260 4.06 -2.15 -2.77
CA MET A 260 5.46 -2.49 -2.52
C MET A 260 6.38 -1.35 -2.94
N HIS A 261 6.08 -0.67 -4.03
CA HIS A 261 6.89 0.48 -4.40
C HIS A 261 6.82 1.55 -3.32
N THR A 262 5.62 1.80 -2.80
CA THR A 262 5.47 2.78 -1.75
C THR A 262 6.26 2.37 -0.51
N ALA A 263 6.27 1.08 -0.19
CA ALA A 263 6.99 0.64 1.00
C ALA A 263 8.51 0.67 0.78
N LEU A 264 8.96 0.40 -0.44
CA LEU A 264 10.38 0.31 -0.76
C LEU A 264 10.99 1.65 -1.12
N THR A 265 10.19 2.71 -1.19
CA THR A 265 10.77 4.05 -1.37
C THR A 265 11.89 4.32 -0.37
N GLY A 266 11.74 3.83 0.85
CA GLY A 266 12.73 4.09 1.89
C GLY A 266 14.03 3.33 1.73
N ALA A 267 14.01 2.20 1.00
CA ALA A 267 15.20 1.36 0.88
C ALA A 267 16.17 1.92 -0.17
N THR A 268 17.28 1.23 -0.36
CA THR A 268 18.37 1.70 -1.22
C THR A 268 18.33 0.93 -2.53
N GLU A 269 18.15 1.65 -3.63
CA GLU A 269 17.97 0.95 -4.89
C GLU A 269 19.32 0.56 -5.48
N ILE A 270 19.25 -0.19 -6.56
CA ILE A 270 20.35 -0.82 -7.25
C ILE A 270 20.71 -0.08 -8.54
N THR A 275 24.03 -9.27 -10.99
CA THR A 275 23.50 -8.38 -9.97
C THR A 275 24.58 -7.44 -9.43
N THR A 276 24.32 -6.14 -9.53
CA THR A 276 25.25 -5.10 -9.09
C THR A 276 24.54 -4.21 -8.08
N THR A 277 25.04 -4.12 -6.83
CA THR A 277 24.43 -3.23 -5.86
C THR A 277 25.38 -2.09 -5.57
N ILE A 278 24.93 -0.86 -5.85
CA ILE A 278 25.65 0.38 -5.59
C ILE A 278 25.37 0.72 -4.13
N PHE A 279 25.96 1.81 -3.65
CA PHE A 279 26.00 2.16 -2.23
C PHE A 279 26.60 0.99 -1.44
N ALA A 280 27.87 0.76 -1.77
CA ALA A 280 28.67 -0.31 -1.19
C ALA A 280 28.93 -0.08 0.30
N GLY A 281 29.35 -1.13 0.97
CA GLY A 281 29.56 -1.07 2.39
C GLY A 281 30.92 -0.51 2.74
N HIS A 282 30.97 0.10 3.93
CA HIS A 282 32.23 0.55 4.50
C HIS A 282 33.16 -0.63 4.69
N LEU A 283 34.43 -0.46 4.28
CA LEU A 283 35.43 -1.49 4.56
C LEU A 283 36.78 -0.83 4.79
N LYS A 284 37.58 -1.47 5.63
CA LYS A 284 38.91 -1.01 5.99
C LYS A 284 39.95 -1.85 5.27
N CYS A 285 40.86 -1.19 4.55
CA CYS A 285 41.85 -1.87 3.73
C CYS A 285 43.21 -1.25 3.97
N ARG A 286 44.24 -2.05 3.67
CA ARG A 286 45.63 -1.61 3.76
C ARG A 286 46.32 -1.80 2.43
N LEU A 287 47.13 -0.83 2.05
CA LEU A 287 47.87 -0.83 0.80
C LEU A 287 49.34 -0.99 1.10
N LYS A 288 49.91 -2.13 0.71
CA LYS A 288 51.35 -2.33 0.75
C LYS A 288 51.91 -1.95 -0.61
N MET A 289 52.85 -1.00 -0.62
CA MET A 289 53.40 -0.43 -1.84
C MET A 289 54.87 -0.76 -2.03
N ASP A 290 55.37 -1.79 -1.35
CA ASP A 290 56.78 -2.13 -1.47
C ASP A 290 57.17 -2.46 -2.91
N LYS A 291 56.23 -3.02 -3.69
CA LYS A 291 56.50 -3.35 -5.07
C LYS A 291 56.02 -2.29 -6.06
N LEU A 292 55.29 -1.27 -5.59
CA LEU A 292 54.90 -0.18 -6.47
C LEU A 292 56.12 0.64 -6.88
N THR A 293 56.16 1.02 -8.15
CA THR A 293 57.24 1.83 -8.70
C THR A 293 56.69 3.16 -9.17
N LEU A 294 57.40 4.23 -8.83
CA LEU A 294 57.04 5.58 -9.27
C LEU A 294 57.67 5.81 -10.63
N LYS A 295 56.85 5.93 -11.67
CA LYS A 295 57.36 6.13 -13.02
C LYS A 295 58.01 7.50 -13.14
N GLY A 296 59.17 7.53 -13.80
CA GLY A 296 59.87 8.78 -13.99
C GLY A 296 60.70 9.25 -12.81
N MET A 297 61.04 8.35 -11.89
CA MET A 297 61.98 8.71 -10.83
C MET A 297 63.33 9.10 -11.39
N SER A 298 63.73 8.48 -12.50
CA SER A 298 65.06 8.66 -13.08
C SER A 298 65.14 9.85 -14.03
N TYR A 299 64.02 10.45 -14.41
CA TYR A 299 63.99 11.38 -15.53
C TYR A 299 64.75 12.66 -15.22
N VAL A 300 65.39 13.20 -16.26
CA VAL A 300 66.04 14.50 -16.14
C VAL A 300 64.98 15.59 -15.97
N MET A 301 65.41 16.73 -15.41
CA MET A 301 64.50 17.84 -15.24
C MET A 301 64.28 18.57 -16.56
N CYS A 302 63.15 19.25 -16.67
CA CYS A 302 62.87 20.07 -17.84
C CYS A 302 63.53 21.43 -17.74
N THR A 303 64.05 21.91 -18.86
CA THR A 303 64.63 23.23 -18.95
C THR A 303 63.83 24.15 -19.87
N GLY A 304 62.73 23.67 -20.44
CA GLY A 304 61.92 24.47 -21.33
C GLY A 304 60.89 25.31 -20.58
N SER A 305 60.22 26.16 -21.35
CA SER A 305 59.27 27.13 -20.81
C SER A 305 57.86 26.56 -21.00
N PHE A 306 57.11 26.49 -19.91
CA PHE A 306 55.77 25.94 -19.94
C PHE A 306 54.75 27.02 -20.35
N LYS A 307 53.57 26.56 -20.75
CA LYS A 307 52.47 27.47 -21.09
C LYS A 307 51.20 26.91 -20.50
N LEU A 308 50.41 27.78 -19.87
CA LEU A 308 49.18 27.37 -19.19
C LEU A 308 48.16 26.92 -20.23
N GLU A 309 47.87 25.62 -20.26
CA GLU A 309 46.90 25.10 -21.22
C GLU A 309 45.47 25.37 -20.78
N LYS A 310 45.17 25.13 -19.51
CA LYS A 310 43.84 25.34 -18.97
C LYS A 310 43.94 26.15 -17.68
N GLU A 311 42.99 27.05 -17.47
CA GLU A 311 43.07 27.95 -16.33
C GLU A 311 42.99 27.17 -15.03
N VAL A 312 43.65 27.70 -13.99
CA VAL A 312 43.69 27.03 -12.71
C VAL A 312 42.31 27.01 -12.09
N ALA A 313 41.99 25.92 -11.40
CA ALA A 313 40.68 25.74 -10.79
C ALA A 313 40.86 25.17 -9.39
N GLU A 314 40.13 25.75 -8.44
CA GLU A 314 40.18 25.32 -7.05
C GLU A 314 39.06 24.31 -6.78
N THR A 315 39.43 23.15 -6.26
CA THR A 315 38.45 22.13 -5.95
C THR A 315 37.76 22.46 -4.62
N GLN A 316 36.91 21.55 -4.17
CA GLN A 316 36.16 21.80 -2.95
C GLN A 316 37.04 21.75 -1.71
N HIS A 317 38.19 21.12 -1.79
CA HIS A 317 39.05 20.90 -0.63
C HIS A 317 40.19 21.89 -0.54
N GLY A 318 40.15 22.97 -1.32
CA GLY A 318 41.20 23.96 -1.31
C GLY A 318 42.37 23.65 -2.21
N THR A 319 42.41 22.48 -2.83
CA THR A 319 43.46 22.15 -3.78
C THR A 319 43.19 22.83 -5.11
N VAL A 320 44.25 23.15 -5.82
CA VAL A 320 44.13 23.72 -7.16
C VAL A 320 44.81 22.78 -8.15
N LEU A 321 44.25 22.73 -9.35
CA LEU A 321 44.69 21.80 -10.38
C LEU A 321 45.09 22.57 -11.61
N VAL A 322 46.28 22.30 -12.13
CA VAL A 322 46.90 23.07 -13.21
C VAL A 322 47.16 22.15 -14.39
N GLN A 323 46.64 22.51 -15.56
CA GLN A 323 46.88 21.78 -16.80
C GLN A 323 47.78 22.64 -17.68
N VAL A 324 49.02 22.20 -17.86
CA VAL A 324 50.04 22.97 -18.55
C VAL A 324 50.49 22.24 -19.81
N LYS A 325 51.34 22.94 -20.58
CA LYS A 325 51.92 22.47 -21.82
C LYS A 325 53.37 22.93 -21.87
N TYR A 326 54.15 22.31 -22.76
CA TYR A 326 55.60 22.37 -22.72
C TYR A 326 56.21 22.82 -24.04
N GLU A 327 57.40 23.46 -23.95
CA GLU A 327 58.18 23.81 -25.15
C GLU A 327 58.71 22.57 -25.86
N GLY A 328 59.26 21.62 -25.10
CA GLY A 328 59.81 20.42 -25.68
C GLY A 328 61.32 20.32 -25.52
N THR A 329 61.97 19.66 -26.46
CA THR A 329 63.41 19.47 -26.51
C THR A 329 63.96 18.79 -25.25
N ASP A 330 63.07 18.41 -24.33
CA ASP A 330 63.49 17.76 -23.09
C ASP A 330 62.51 16.66 -22.69
N ALA A 331 61.75 16.09 -23.63
CA ALA A 331 60.79 15.07 -23.21
C ALA A 331 61.43 13.69 -23.30
N PRO A 332 61.17 12.80 -22.33
CA PRO A 332 60.36 13.05 -21.14
C PRO A 332 61.17 13.69 -20.02
N CYS A 333 60.51 14.20 -18.98
CA CYS A 333 61.22 14.91 -17.93
C CYS A 333 60.37 15.02 -16.68
N LYS A 334 61.03 15.33 -15.56
CA LYS A 334 60.34 15.78 -14.36
C LYS A 334 59.99 17.26 -14.50
N ILE A 335 58.84 17.63 -13.94
CA ILE A 335 58.38 19.01 -13.97
C ILE A 335 58.89 19.70 -12.72
N PRO A 336 59.67 20.78 -12.84
CA PRO A 336 60.09 21.53 -11.64
C PRO A 336 58.96 22.37 -11.08
N PHE A 337 58.41 21.92 -9.95
CA PHE A 337 57.22 22.51 -9.34
C PHE A 337 57.60 23.08 -7.98
N SER A 338 57.23 24.33 -7.73
CA SER A 338 57.52 24.94 -6.45
C SER A 338 56.43 25.94 -6.10
N THR A 339 56.29 26.20 -4.80
CA THR A 339 55.25 27.08 -4.29
C THR A 339 55.87 28.06 -3.31
N GLN A 340 55.71 29.36 -3.60
CA GLN A 340 56.20 30.45 -2.79
C GLN A 340 55.01 31.17 -2.18
N ASP A 341 55.22 31.91 -1.10
CA ASP A 341 54.08 32.44 -0.38
C ASP A 341 54.20 33.93 -0.08
N GLU A 342 53.08 34.46 0.42
CA GLU A 342 52.90 35.87 0.81
C GLU A 342 53.41 36.84 -0.25
N VAL A 345 59.51 33.69 -1.64
CA VAL A 345 59.22 34.04 -0.26
C VAL A 345 59.29 32.82 0.61
N THR A 346 59.35 31.65 0.02
CA THR A 346 59.54 30.36 0.71
C THR A 346 59.74 29.25 -0.29
N GLN A 347 59.72 28.01 0.14
CA GLN A 347 59.80 26.98 -0.87
C GLN A 347 58.71 25.94 -0.63
N ASN A 348 58.86 24.78 -1.26
CA ASN A 348 57.80 23.78 -1.35
C ASN A 348 57.42 23.17 0.00
N GLY A 349 56.11 23.04 0.23
CA GLY A 349 55.59 22.21 1.29
C GLY A 349 54.89 20.93 0.86
N ARG A 350 53.96 20.98 -0.10
CA ARG A 350 53.20 19.78 -0.42
C ARG A 350 52.63 19.82 -1.83
N LEU A 351 52.78 18.69 -2.54
CA LEU A 351 52.25 18.47 -3.86
C LEU A 351 51.37 17.22 -3.83
N ILE A 352 50.15 17.35 -4.35
CA ILE A 352 49.25 16.19 -4.36
C ILE A 352 49.71 15.17 -5.40
N THR A 353 49.95 15.62 -6.63
CA THR A 353 50.51 14.74 -7.64
C THR A 353 51.97 14.43 -7.27
N ALA A 354 52.27 13.15 -7.09
CA ALA A 354 53.58 12.77 -6.55
C ALA A 354 54.71 13.12 -7.51
N ASN A 355 54.63 12.67 -8.76
CA ASN A 355 55.68 12.87 -9.74
C ASN A 355 55.09 13.52 -10.99
N PRO A 356 55.11 14.83 -11.07
CA PRO A 356 54.70 15.50 -12.31
C PRO A 356 55.73 15.33 -13.42
N ILE A 357 55.38 14.55 -14.44
CA ILE A 357 56.27 14.27 -15.55
C ILE A 357 55.60 14.67 -16.86
N VAL A 358 56.42 14.87 -17.88
CA VAL A 358 55.96 15.19 -19.22
C VAL A 358 56.21 13.96 -20.09
N THR A 359 55.17 13.18 -20.33
CA THR A 359 55.30 12.02 -21.22
C THR A 359 55.52 12.46 -22.66
N ASP A 360 54.65 13.34 -23.16
CA ASP A 360 54.76 13.86 -24.51
C ASP A 360 54.66 15.38 -24.47
N LYS A 361 55.38 16.02 -25.39
CA LYS A 361 55.31 17.47 -25.53
C LYS A 361 53.90 17.92 -25.86
N GLU A 362 53.28 17.24 -26.82
CA GLU A 362 51.97 17.66 -27.31
C GLU A 362 50.85 17.36 -26.32
N LYS A 363 51.06 16.43 -25.39
CA LYS A 363 50.03 16.07 -24.43
C LYS A 363 50.13 16.96 -23.20
N PRO A 364 49.12 17.77 -22.89
CA PRO A 364 49.16 18.59 -21.67
C PRO A 364 49.23 17.71 -20.43
N VAL A 365 49.78 18.27 -19.37
CA VAL A 365 49.98 17.55 -18.11
C VAL A 365 49.19 18.25 -17.02
N ASN A 366 48.43 17.48 -16.26
CA ASN A 366 47.67 17.98 -15.11
C ASN A 366 48.45 17.71 -13.83
N ILE A 367 48.41 18.65 -12.90
CA ILE A 367 49.12 18.54 -11.64
C ILE A 367 48.26 19.18 -10.55
N GLU A 368 48.00 18.44 -9.48
CA GLU A 368 47.21 18.93 -8.37
C GLU A 368 48.11 19.30 -7.21
N THR A 369 47.86 20.46 -6.61
CA THR A 369 48.68 20.93 -5.51
C THR A 369 47.82 21.60 -4.44
N GLU A 370 48.37 21.68 -3.25
CA GLU A 370 47.71 22.35 -2.13
C GLU A 370 48.48 23.64 -1.83
N PRO A 371 48.05 24.79 -2.36
CA PRO A 371 48.74 26.03 -2.05
C PRO A 371 48.44 26.46 -0.61
N PRO A 372 49.34 27.22 0.00
CA PRO A 372 49.07 27.65 1.38
C PRO A 372 48.00 28.73 1.44
N PHE A 373 47.64 29.12 2.67
CA PHE A 373 46.60 30.12 2.84
C PHE A 373 47.15 31.49 2.44
N GLY A 374 46.25 32.34 1.97
CA GLY A 374 46.64 33.67 1.57
C GLY A 374 47.35 33.65 0.22
N GLU A 375 47.89 34.81 -0.11
CA GLU A 375 48.48 34.99 -1.44
C GLU A 375 49.72 34.11 -1.59
N SER A 376 49.83 33.48 -2.76
CA SER A 376 50.95 32.60 -3.04
C SER A 376 51.18 32.56 -4.55
N TYR A 377 52.35 32.09 -4.93
CA TYR A 377 52.73 31.95 -6.33
C TYR A 377 53.16 30.51 -6.59
N ILE A 378 52.75 29.99 -7.74
CA ILE A 378 53.11 28.65 -8.17
C ILE A 378 54.08 28.78 -9.33
N ILE A 379 55.31 28.31 -9.13
CA ILE A 379 56.35 28.40 -10.14
C ILE A 379 56.55 27.02 -10.76
N VAL A 380 56.61 26.98 -12.08
CA VAL A 380 56.84 25.77 -12.83
C VAL A 380 57.79 26.08 -13.99
N GLY A 381 58.95 25.43 -14.01
CA GLY A 381 59.93 25.67 -15.05
C GLY A 381 61.34 25.88 -14.55
N ALA A 386 60.08 29.96 -17.12
CA ALA A 386 59.56 29.95 -15.76
C ALA A 386 58.17 30.57 -15.71
N LEU A 387 57.18 29.75 -15.36
CA LEU A 387 55.79 30.19 -15.25
C LEU A 387 55.44 30.45 -13.79
N LYS A 388 55.01 31.68 -13.51
CA LYS A 388 54.57 32.08 -12.17
C LYS A 388 53.07 32.37 -12.23
N LEU A 389 52.30 31.64 -11.43
CA LEU A 389 50.86 31.77 -11.37
C LEU A 389 50.47 32.30 -10.00
N SER A 390 49.88 33.49 -9.96
CA SER A 390 49.40 34.06 -8.71
C SER A 390 48.13 33.35 -8.25
N TRP A 391 47.95 33.24 -6.94
CA TRP A 391 46.76 32.60 -6.41
C TRP A 391 46.45 33.18 -5.03
N PHE A 392 45.16 33.25 -4.72
CA PHE A 392 44.65 33.75 -3.45
C PHE A 392 43.75 32.68 -2.86
N LYS A 393 44.26 31.90 -1.90
CA LYS A 393 43.48 30.91 -1.20
C LYS A 393 42.87 31.55 0.04
N LYS A 394 41.57 31.83 -0.03
CA LYS A 394 40.86 32.52 1.04
C LYS A 394 41.11 31.83 2.36
N GLY A 395 41.61 32.59 3.33
CA GLY A 395 41.93 32.09 4.66
C GLY A 395 40.78 31.31 5.29
N MET B 1 -44.94 -11.34 7.07
CA MET B 1 -44.18 -11.92 8.17
C MET B 1 -42.68 -11.88 7.92
N ARG B 2 -42.17 -10.69 7.61
CA ARG B 2 -40.72 -10.50 7.53
C ARG B 2 -40.11 -10.71 8.92
N CYS B 3 -38.78 -10.63 8.97
CA CYS B 3 -38.02 -10.55 10.20
C CYS B 3 -38.08 -11.85 11.00
N VAL B 4 -38.71 -12.89 10.47
CA VAL B 4 -38.82 -14.16 11.19
C VAL B 4 -37.55 -14.96 10.93
N GLY B 5 -36.97 -15.51 11.99
CA GLY B 5 -35.79 -16.34 11.86
C GLY B 5 -34.49 -15.58 11.65
N ILE B 6 -34.51 -14.26 11.75
CA ILE B 6 -33.31 -13.44 11.68
C ILE B 6 -32.70 -13.33 13.08
N GLY B 7 -31.42 -13.67 13.20
CA GLY B 7 -30.74 -13.76 14.48
C GLY B 7 -30.93 -12.58 15.41
N ASN B 8 -30.46 -11.41 15.00
CA ASN B 8 -30.53 -10.21 15.84
C ASN B 8 -31.93 -9.61 15.69
N ARG B 9 -32.86 -10.07 16.53
CA ARG B 9 -34.27 -9.70 16.47
C ARG B 9 -34.75 -9.27 17.84
N ASP B 10 -35.31 -8.07 17.92
CA ASP B 10 -35.81 -7.52 19.17
C ASP B 10 -37.34 -7.57 19.19
N PHE B 11 -37.91 -7.70 20.38
CA PHE B 11 -39.35 -7.73 20.57
C PHE B 11 -39.74 -6.52 21.41
N VAL B 12 -40.56 -5.64 20.85
CA VAL B 12 -41.11 -4.52 21.60
C VAL B 12 -42.61 -4.77 21.75
N GLU B 13 -43.11 -4.58 22.96
CA GLU B 13 -44.50 -4.89 23.30
C GLU B 13 -45.17 -3.61 23.80
N GLY B 14 -46.46 -3.47 23.49
CA GLY B 14 -47.21 -2.29 23.87
C GLY B 14 -47.30 -2.06 25.35
N ALA B 18 -49.88 2.97 24.63
CA ALA B 18 -50.96 2.63 23.73
C ALA B 18 -51.03 3.61 22.55
N THR B 19 -51.10 3.04 21.34
CA THR B 19 -51.21 3.73 20.05
C THR B 19 -49.90 4.36 19.57
N TRP B 20 -48.87 4.41 20.41
CA TRP B 20 -47.53 4.74 19.93
C TRP B 20 -46.50 3.94 20.71
N VAL B 21 -45.46 3.51 20.00
CA VAL B 21 -44.39 2.71 20.58
C VAL B 21 -43.05 3.34 20.21
N ASP B 22 -42.12 3.32 21.16
CA ASP B 22 -40.77 3.79 20.91
C ASP B 22 -39.91 2.58 20.56
N VAL B 23 -39.04 2.76 19.56
CA VAL B 23 -38.28 1.66 19.02
C VAL B 23 -36.91 2.18 18.59
N VAL B 24 -35.93 1.27 18.57
CA VAL B 24 -34.59 1.56 18.06
C VAL B 24 -34.36 0.68 16.84
N LEU B 25 -33.90 1.29 15.76
CA LEU B 25 -33.66 0.59 14.50
C LEU B 25 -32.18 0.61 14.16
N GLU B 26 -31.67 -0.54 13.76
CA GLU B 26 -30.27 -0.78 13.45
C GLU B 26 -30.21 -1.67 12.22
N HIS B 27 -29.31 -1.39 11.29
CA HIS B 27 -29.17 -2.30 10.17
C HIS B 27 -28.70 -3.66 10.68
N GLY B 28 -29.31 -4.72 10.17
CA GLY B 28 -28.98 -6.05 10.64
C GLY B 28 -29.91 -6.49 11.74
N SER B 29 -30.27 -5.55 12.60
CA SER B 29 -31.29 -5.78 13.63
C SER B 29 -32.67 -5.53 13.05
N CYS B 30 -33.67 -6.07 13.73
CA CYS B 30 -35.04 -5.81 13.35
C CYS B 30 -35.93 -6.01 14.58
N VAL B 31 -37.09 -5.36 14.54
CA VAL B 31 -38.00 -5.37 15.69
C VAL B 31 -39.34 -5.94 15.26
N THR B 32 -40.01 -6.58 16.21
CA THR B 32 -41.39 -7.05 16.05
C THR B 32 -42.23 -6.31 17.08
N THR B 33 -43.11 -5.44 16.60
CA THR B 33 -43.95 -4.60 17.45
C THR B 33 -45.33 -5.19 17.55
N MET B 34 -45.89 -5.20 18.76
CA MET B 34 -47.21 -5.75 18.96
C MET B 34 -47.97 -4.88 19.96
N ALA B 35 -49.26 -4.73 19.72
CA ALA B 35 -50.15 -3.99 20.61
C ALA B 35 -51.54 -4.59 20.51
N LYS B 36 -52.26 -4.60 21.63
CA LYS B 36 -53.61 -5.15 21.60
C LYS B 36 -54.49 -4.30 20.70
N ASN B 37 -55.39 -4.96 19.97
CA ASN B 37 -56.33 -4.33 19.05
C ASN B 37 -55.61 -3.59 17.91
N LYS B 38 -54.32 -3.89 17.70
CA LYS B 38 -53.52 -3.28 16.63
C LYS B 38 -52.64 -4.34 15.99
N PRO B 39 -52.48 -4.29 14.66
CA PRO B 39 -51.74 -5.36 13.99
C PRO B 39 -50.25 -5.29 14.33
N THR B 40 -49.67 -6.47 14.56
CA THR B 40 -48.24 -6.55 14.85
C THR B 40 -47.45 -6.35 13.57
N LEU B 41 -46.32 -5.66 13.69
CA LEU B 41 -45.51 -5.28 12.53
C LEU B 41 -44.09 -5.75 12.73
N ASP B 42 -43.36 -5.86 11.62
CA ASP B 42 -41.92 -6.16 11.60
C ASP B 42 -41.21 -4.98 10.95
N ILE B 43 -40.39 -4.28 11.73
CA ILE B 43 -39.73 -3.06 11.29
C ILE B 43 -38.23 -3.31 11.22
N GLU B 44 -37.63 -3.02 10.07
CA GLU B 44 -36.20 -3.12 9.91
C GLU B 44 -35.68 -1.88 9.21
N LEU B 45 -34.46 -1.49 9.57
CA LEU B 45 -33.78 -0.38 8.90
C LEU B 45 -33.03 -0.97 7.71
N LEU B 46 -33.63 -0.85 6.54
CA LEU B 46 -33.13 -1.52 5.34
C LEU B 46 -31.74 -1.08 4.94
N LYS B 47 -31.62 0.17 4.52
CA LYS B 47 -30.42 0.67 3.90
C LYS B 47 -30.47 2.19 3.99
N THR B 48 -29.31 2.82 4.06
CA THR B 48 -29.24 4.26 4.10
C THR B 48 -28.55 4.79 2.86
N GLU B 49 -29.16 5.78 2.21
CA GLU B 49 -28.64 6.33 0.98
C GLU B 49 -28.23 7.78 1.18
N VAL B 50 -27.03 8.10 0.71
CA VAL B 50 -26.57 9.47 0.61
C VAL B 50 -27.07 10.02 -0.71
N THR B 51 -27.72 11.17 -0.67
CA THR B 51 -28.45 11.64 -1.85
C THR B 51 -27.51 11.87 -3.02
N ASN B 52 -26.66 12.87 -2.91
CA ASN B 52 -25.56 13.15 -3.84
C ASN B 52 -24.59 14.06 -3.13
N PRO B 53 -23.57 13.50 -2.51
CA PRO B 53 -22.70 14.27 -1.63
C PRO B 53 -21.68 15.07 -2.44
N ALA B 54 -21.05 15.99 -1.73
CA ALA B 54 -20.04 16.84 -2.34
C ALA B 54 -18.67 16.20 -2.16
N VAL B 55 -17.83 16.31 -3.19
CA VAL B 55 -16.51 15.71 -3.16
C VAL B 55 -15.62 16.48 -2.20
N LEU B 56 -15.16 15.83 -1.15
CA LEU B 56 -14.19 16.49 -0.29
C LEU B 56 -12.81 16.48 -0.93
N ARG B 57 -12.41 15.38 -1.55
CA ARG B 57 -11.05 15.30 -2.07
C ARG B 57 -10.95 14.16 -3.07
N LYS B 58 -10.45 14.43 -4.26
CA LYS B 58 -10.03 13.35 -5.13
C LYS B 58 -8.62 12.94 -4.76
N LEU B 59 -8.36 11.64 -4.80
CA LEU B 59 -7.02 11.10 -4.63
C LEU B 59 -6.65 10.40 -5.93
N CYS B 60 -5.35 10.36 -6.23
CA CYS B 60 -4.87 9.70 -7.43
C CYS B 60 -4.13 8.43 -7.07
N ILE B 61 -4.53 7.32 -7.69
CA ILE B 61 -3.94 6.00 -7.37
C ILE B 61 -3.05 5.48 -8.48
N GLU B 62 -3.09 6.04 -9.68
CA GLU B 62 -2.16 5.59 -10.70
C GLU B 62 -1.71 6.80 -11.51
N ALA B 63 -0.44 6.82 -11.90
CA ALA B 63 0.14 8.00 -12.50
C ALA B 63 1.03 7.64 -13.67
N LYS B 64 1.14 8.55 -14.61
CA LYS B 64 1.99 8.35 -15.77
C LYS B 64 2.76 9.63 -16.04
N ILE B 65 3.93 9.47 -16.68
CA ILE B 65 4.91 10.54 -16.82
C ILE B 65 5.32 10.67 -18.26
N SER B 66 5.50 11.90 -18.72
CA SER B 66 5.91 12.14 -20.09
C SER B 66 6.65 13.47 -20.14
N ASN B 67 7.20 13.76 -21.32
CA ASN B 67 7.88 15.03 -21.60
C ASN B 67 8.86 15.40 -20.48
N THR B 68 9.75 14.46 -20.16
CA THR B 68 10.75 14.74 -19.15
C THR B 68 11.74 15.78 -19.68
N THR B 69 11.92 16.86 -18.91
CA THR B 69 12.85 17.91 -19.26
C THR B 69 13.87 18.09 -18.14
N THR B 70 15.07 18.51 -18.52
CA THR B 70 16.17 18.62 -17.58
C THR B 70 17.03 19.82 -17.93
N ASP B 71 17.50 20.51 -16.89
CA ASP B 71 18.42 21.63 -17.02
C ASP B 71 19.55 21.47 -16.02
N SER B 72 20.77 21.80 -16.44
CA SER B 72 21.93 21.67 -15.58
C SER B 72 22.83 22.88 -15.77
N ARG B 73 23.40 23.37 -14.66
CA ARG B 73 24.26 24.53 -14.67
C ARG B 73 25.58 24.19 -13.99
N CYS B 74 26.65 24.83 -14.47
CA CYS B 74 27.96 24.69 -13.87
C CYS B 74 28.01 25.41 -12.53
N PRO B 75 28.94 25.04 -11.66
CA PRO B 75 29.06 25.74 -10.37
C PRO B 75 29.31 27.22 -10.60
N THR B 76 28.82 28.03 -9.66
CA THR B 76 28.86 29.49 -9.72
C THR B 76 28.15 30.05 -10.94
N GLN B 77 27.35 29.23 -11.65
CA GLN B 77 26.53 29.69 -12.76
C GLN B 77 25.06 29.76 -12.40
N GLY B 78 24.74 29.79 -11.11
CA GLY B 78 23.37 30.00 -10.67
C GLY B 78 22.58 28.72 -10.58
N GLU B 79 21.34 28.88 -10.14
CA GLU B 79 20.42 27.75 -10.02
C GLU B 79 19.78 27.46 -11.37
N ALA B 80 19.53 26.19 -11.64
CA ALA B 80 18.91 25.80 -12.90
C ALA B 80 17.46 26.26 -12.93
N THR B 81 17.04 26.78 -14.08
CA THR B 81 15.69 27.29 -14.25
C THR B 81 15.05 26.66 -15.47
N LEU B 82 13.75 26.39 -15.38
CA LEU B 82 12.99 25.82 -16.49
C LEU B 82 11.62 26.48 -16.55
N VAL B 83 11.12 26.69 -17.76
CA VAL B 83 9.77 27.22 -17.93
C VAL B 83 8.74 26.22 -17.42
N GLU B 84 9.08 24.94 -17.39
CA GLU B 84 8.14 23.93 -16.91
C GLU B 84 7.86 24.09 -15.42
N GLU B 85 8.77 24.73 -14.69
CA GLU B 85 8.51 25.05 -13.29
C GLU B 85 7.33 26.00 -13.14
N GLN B 86 6.97 26.72 -14.20
CA GLN B 86 5.80 27.60 -14.19
C GLN B 86 4.49 26.83 -14.34
N ASP B 87 4.55 25.60 -14.85
CA ASP B 87 3.35 24.84 -15.15
C ASP B 87 2.98 23.96 -13.96
N ALA B 88 1.68 23.81 -13.72
CA ALA B 88 1.21 22.99 -12.62
C ALA B 88 1.16 21.51 -12.98
N ASN B 89 1.03 21.19 -14.27
CA ASN B 89 1.03 19.79 -14.69
C ASN B 89 2.37 19.12 -14.47
N PHE B 90 3.46 19.90 -14.42
CA PHE B 90 4.79 19.37 -14.26
C PHE B 90 5.13 19.25 -12.77
N VAL B 91 5.66 18.09 -12.39
CA VAL B 91 6.27 17.87 -11.08
C VAL B 91 7.78 17.94 -11.26
N CYS B 92 8.44 18.71 -10.42
CA CYS B 92 9.86 19.00 -10.59
C CYS B 92 10.65 18.65 -9.34
N ARG B 93 11.96 18.58 -9.50
CA ARG B 93 12.88 18.38 -8.39
C ARG B 93 14.25 18.95 -8.75
N ARG B 94 14.85 19.64 -7.80
CA ARG B 94 16.14 20.28 -7.96
C ARG B 94 17.13 19.68 -6.98
N THR B 95 18.35 19.43 -7.45
CA THR B 95 19.40 18.87 -6.63
C THR B 95 20.72 19.53 -6.98
N VAL B 96 21.77 19.20 -6.24
CA VAL B 96 23.12 19.67 -6.52
C VAL B 96 24.02 18.46 -6.76
N VAL B 97 24.90 18.58 -7.75
CA VAL B 97 25.80 17.48 -8.10
C VAL B 97 27.22 18.01 -8.16
N ASP B 98 28.18 17.11 -7.95
CA ASP B 98 29.58 17.49 -8.07
C ASP B 98 29.94 17.72 -9.52
N ARG B 99 30.51 18.89 -9.81
CA ARG B 99 30.89 19.26 -11.16
C ARG B 99 32.36 19.68 -11.18
N GLY B 100 33.02 19.34 -12.27
CA GLY B 100 34.39 19.72 -12.49
C GLY B 100 34.79 19.55 -13.94
N TRP B 101 36.09 19.37 -14.16
CA TRP B 101 36.58 19.19 -15.52
C TRP B 101 36.13 17.88 -16.12
N GLY B 102 35.75 16.91 -15.29
CA GLY B 102 35.35 15.61 -15.80
C GLY B 102 33.99 15.57 -16.45
N ASN B 103 33.10 16.50 -16.08
CA ASN B 103 31.73 16.47 -16.59
C ASN B 103 31.36 17.76 -17.33
N GLY B 104 32.34 18.39 -17.96
CA GLY B 104 32.06 19.46 -18.90
C GLY B 104 32.13 20.88 -18.37
N CYS B 105 32.41 21.07 -17.08
CA CYS B 105 32.53 22.40 -16.51
C CYS B 105 33.98 22.78 -16.28
N GLY B 106 34.26 24.09 -16.34
CA GLY B 106 35.60 24.58 -16.10
C GLY B 106 35.94 24.81 -14.65
N LEU B 107 34.96 24.80 -13.76
CA LEU B 107 35.18 25.05 -12.35
C LEU B 107 34.74 23.84 -11.54
N PHE B 108 35.37 23.66 -10.37
CA PHE B 108 35.02 22.58 -9.46
C PHE B 108 34.08 23.10 -8.39
N GLY B 109 33.01 22.35 -8.14
CA GLY B 109 32.04 22.76 -7.14
C GLY B 109 30.76 21.95 -7.22
N LYS B 110 29.67 22.56 -6.80
CA LYS B 110 28.35 21.95 -6.82
C LYS B 110 27.49 22.70 -7.83
N GLY B 111 27.04 22.00 -8.87
CA GLY B 111 26.18 22.58 -9.89
C GLY B 111 24.73 22.15 -9.70
N SER B 112 23.83 23.06 -10.04
CA SER B 112 22.41 22.80 -9.91
C SER B 112 21.92 21.88 -11.02
N LEU B 113 20.89 21.09 -10.71
CA LEU B 113 20.29 20.15 -11.65
C LEU B 113 18.80 20.10 -11.39
N LEU B 114 18.01 20.63 -12.32
CA LEU B 114 16.57 20.68 -12.21
C LEU B 114 15.94 19.72 -13.21
N THR B 115 14.95 18.96 -12.77
CA THR B 115 14.29 18.01 -13.68
C THR B 115 12.78 18.05 -13.44
N CYS B 116 12.03 18.19 -14.53
CA CYS B 116 10.58 18.22 -14.47
C CYS B 116 10.00 17.12 -15.34
N ALA B 117 8.81 16.67 -14.96
CA ALA B 117 8.11 15.60 -15.66
C ALA B 117 6.64 15.95 -15.73
N LYS B 118 6.00 15.62 -16.83
CA LYS B 118 4.56 15.86 -16.99
C LYS B 118 3.78 14.88 -16.14
N PHE B 119 3.08 15.38 -15.13
CA PHE B 119 2.26 14.51 -14.31
C PHE B 119 0.86 14.45 -14.92
N LYS B 120 0.45 13.24 -15.29
CA LYS B 120 -0.91 12.96 -15.73
C LYS B 120 -1.30 11.64 -15.11
N CYS B 121 -2.60 11.44 -14.89
CA CYS B 121 -3.01 10.31 -14.06
C CYS B 121 -4.17 9.56 -14.69
N VAL B 122 -3.97 8.24 -14.85
CA VAL B 122 -4.93 7.40 -15.55
C VAL B 122 -6.15 7.12 -14.67
N THR B 123 -5.93 6.58 -13.48
CA THR B 123 -7.03 6.14 -12.62
C THR B 123 -6.91 6.79 -11.26
N LYS B 124 -8.05 7.29 -10.76
CA LYS B 124 -8.14 7.98 -9.47
C LYS B 124 -9.35 7.46 -8.70
N LEU B 125 -9.48 7.92 -7.46
CA LEU B 125 -10.63 7.64 -6.60
C LEU B 125 -11.14 8.94 -6.02
N GLU B 126 -12.44 9.03 -5.77
CA GLU B 126 -13.01 10.23 -5.18
C GLU B 126 -13.39 10.01 -3.72
N GLY B 127 -13.47 11.10 -2.98
CA GLY B 127 -13.96 11.06 -1.62
C GLY B 127 -14.96 12.19 -1.39
N LYS B 128 -16.16 11.79 -0.97
CA LYS B 128 -17.32 12.64 -0.82
C LYS B 128 -17.68 12.78 0.64
N ILE B 129 -17.64 14.01 1.15
CA ILE B 129 -18.08 14.28 2.51
C ILE B 129 -19.58 14.03 2.61
N VAL B 130 -19.98 13.21 3.58
CA VAL B 130 -21.39 12.86 3.77
C VAL B 130 -21.95 13.89 4.76
N GLN B 131 -22.54 14.94 4.23
CA GLN B 131 -23.15 15.91 5.13
C GLN B 131 -24.41 15.30 5.72
N TYR B 132 -24.63 15.56 7.01
CA TYR B 132 -25.75 14.95 7.72
C TYR B 132 -27.11 15.28 7.11
N GLU B 133 -27.20 16.33 6.32
CA GLU B 133 -28.48 16.67 5.70
C GLU B 133 -28.87 15.65 4.65
N ASN B 134 -27.95 15.31 3.74
CA ASN B 134 -28.31 14.56 2.54
C ASN B 134 -28.29 13.06 2.81
N LEU B 135 -29.30 12.63 3.56
CA LEU B 135 -29.49 11.23 3.88
C LEU B 135 -30.92 10.82 3.57
N LYS B 136 -31.10 9.51 3.36
CA LYS B 136 -32.42 8.95 3.07
C LYS B 136 -32.47 7.57 3.71
N TYR B 137 -32.91 7.51 4.96
CA TYR B 137 -33.09 6.23 5.60
C TYR B 137 -34.31 5.53 5.00
N SER B 138 -34.15 4.27 4.63
CA SER B 138 -35.23 3.43 4.14
C SER B 138 -35.60 2.46 5.26
N VAL B 139 -36.84 2.55 5.74
CA VAL B 139 -37.30 1.72 6.84
C VAL B 139 -38.45 0.85 6.34
N ILE B 140 -38.27 -0.46 6.39
CA ILE B 140 -39.32 -1.37 5.94
C ILE B 140 -40.21 -1.76 7.11
N VAL B 141 -41.51 -1.77 6.84
CA VAL B 141 -42.54 -2.20 7.77
C VAL B 141 -43.36 -3.29 7.07
N THR B 142 -43.42 -4.47 7.69
CA THR B 142 -44.11 -5.61 7.12
C THR B 142 -45.20 -6.05 8.07
N VAL B 143 -46.39 -6.31 7.55
CA VAL B 143 -47.54 -6.68 8.35
C VAL B 143 -47.53 -8.19 8.57
N HIS B 144 -47.91 -8.61 9.77
CA HIS B 144 -48.01 -10.04 10.09
C HIS B 144 -49.29 -10.61 9.47
N THR B 145 -49.26 -10.75 8.14
CA THR B 145 -50.43 -11.28 7.45
C THR B 145 -50.59 -12.77 7.68
N GLY B 146 -49.54 -13.55 7.39
CA GLY B 146 -49.61 -14.99 7.48
C GLY B 146 -49.66 -15.72 6.15
N ASP B 147 -49.54 -15.01 5.02
CA ASP B 147 -49.57 -15.65 3.72
C ASP B 147 -48.32 -16.50 3.51
N GLN B 148 -48.46 -17.51 2.66
CA GLN B 148 -47.32 -18.37 2.34
C GLN B 148 -46.21 -17.64 1.62
N HIS B 149 -46.51 -16.48 1.02
CA HIS B 149 -45.49 -15.72 0.29
C HIS B 149 -44.45 -15.16 1.25
N GLN B 150 -44.89 -14.46 2.28
CA GLN B 150 -43.98 -13.82 3.23
C GLN B 150 -43.93 -14.68 4.49
N VAL B 151 -43.06 -15.68 4.47
CA VAL B 151 -42.71 -16.45 5.66
C VAL B 151 -41.45 -15.90 6.31
N GLY B 152 -40.37 -15.81 5.53
CA GLY B 152 -39.16 -15.10 5.87
C GLY B 152 -38.63 -14.42 4.62
N ASN B 153 -39.53 -13.98 3.74
CA ASN B 153 -39.16 -13.62 2.38
C ASN B 153 -38.22 -12.42 2.36
N GLU B 154 -36.91 -12.69 2.36
CA GLU B 154 -35.88 -11.71 2.03
C GLU B 154 -35.59 -11.71 0.53
N THR B 155 -36.13 -12.71 -0.18
CA THR B 155 -35.94 -12.84 -1.63
C THR B 155 -36.58 -11.67 -2.37
N THR B 156 -37.88 -11.47 -2.15
CA THR B 156 -38.64 -10.42 -2.81
C THR B 156 -39.23 -9.54 -1.73
N GLU B 157 -39.12 -8.23 -1.90
CA GLU B 157 -39.68 -7.33 -0.89
C GLU B 157 -41.19 -7.49 -0.86
N HIS B 158 -41.72 -7.66 0.34
CA HIS B 158 -43.15 -7.80 0.52
C HIS B 158 -43.78 -6.67 1.30
N GLY B 159 -43.07 -6.13 2.31
CA GLY B 159 -43.61 -5.02 3.08
C GLY B 159 -43.60 -3.69 2.35
N THR B 160 -43.71 -2.60 3.10
CA THR B 160 -43.69 -1.25 2.55
C THR B 160 -42.57 -0.44 3.18
N ILE B 161 -41.88 0.36 2.38
CA ILE B 161 -40.71 1.10 2.84
C ILE B 161 -41.06 2.58 2.97
N ALA B 162 -40.51 3.21 4.00
CA ALA B 162 -40.70 4.63 4.28
C ALA B 162 -39.35 5.35 4.18
N THR B 163 -39.42 6.58 3.70
CA THR B 163 -38.25 7.43 3.51
C THR B 163 -38.16 8.44 4.64
N ILE B 164 -36.98 8.54 5.26
CA ILE B 164 -36.74 9.43 6.39
C ILE B 164 -35.55 10.32 6.05
N THR B 165 -35.75 11.63 6.12
CA THR B 165 -34.70 12.60 5.94
C THR B 165 -34.64 13.51 7.15
N PRO B 166 -33.50 14.18 7.39
CA PRO B 166 -33.45 15.15 8.49
C PRO B 166 -34.36 16.35 8.29
N GLN B 167 -34.85 16.58 7.06
CA GLN B 167 -35.81 17.64 6.78
C GLN B 167 -37.25 17.19 7.00
N ALA B 168 -37.56 15.94 6.65
CA ALA B 168 -38.87 15.35 6.88
C ALA B 168 -38.69 14.04 7.65
N PRO B 169 -38.40 14.12 8.94
CA PRO B 169 -38.20 12.91 9.73
C PRO B 169 -39.47 12.15 10.03
N THR B 170 -40.64 12.76 9.77
CA THR B 170 -41.92 12.13 10.02
C THR B 170 -42.58 11.79 8.69
N SER B 171 -43.16 10.59 8.61
CA SER B 171 -43.77 10.11 7.38
C SER B 171 -45.02 9.30 7.68
N GLU B 172 -46.02 9.43 6.81
CA GLU B 172 -47.24 8.63 6.86
C GLU B 172 -47.14 7.56 5.79
N ILE B 173 -47.27 6.29 6.19
CA ILE B 173 -47.23 5.18 5.24
C ILE B 173 -48.55 4.42 5.30
N GLN B 174 -49.06 4.05 4.14
CA GLN B 174 -50.35 3.40 4.02
C GLN B 174 -50.14 1.90 3.89
N LEU B 175 -50.61 1.15 4.88
CA LEU B 175 -50.61 -0.31 4.82
C LEU B 175 -51.95 -0.78 4.26
N THR B 176 -51.90 -1.48 3.14
CA THR B 176 -53.11 -1.93 2.46
C THR B 176 -53.93 -2.82 3.38
N ASP B 177 -55.22 -2.51 3.50
CA ASP B 177 -56.17 -3.17 4.39
C ASP B 177 -55.83 -2.99 5.85
N TYR B 178 -54.88 -2.10 6.18
CA TYR B 178 -54.52 -1.87 7.56
C TYR B 178 -54.43 -0.39 7.94
N GLY B 179 -54.72 0.52 7.01
CA GLY B 179 -54.83 1.93 7.37
C GLY B 179 -53.57 2.73 7.17
N THR B 180 -53.31 3.68 8.07
CA THR B 180 -52.17 4.58 7.97
C THR B 180 -51.34 4.52 9.24
N LEU B 181 -50.02 4.50 9.08
CA LEU B 181 -49.08 4.47 10.19
C LEU B 181 -48.23 5.73 10.15
N THR B 182 -48.19 6.45 11.27
CA THR B 182 -47.36 7.63 11.40
C THR B 182 -46.03 7.23 12.01
N LEU B 183 -44.94 7.78 11.48
CA LEU B 183 -43.59 7.39 11.87
C LEU B 183 -42.77 8.64 12.14
N ASP B 184 -42.37 8.84 13.39
CA ASP B 184 -41.56 9.98 13.81
C ASP B 184 -40.20 9.45 14.26
N CYS B 185 -39.25 9.43 13.35
CA CYS B 185 -37.89 9.05 13.68
C CYS B 185 -37.03 10.28 13.85
N SER B 186 -35.97 10.14 14.64
CA SER B 186 -35.03 11.22 14.89
C SER B 186 -33.64 10.77 14.45
N PRO B 187 -33.11 11.26 13.33
CA PRO B 187 -31.72 10.90 12.97
C PRO B 187 -30.71 11.41 14.00
N ARG B 188 -30.94 12.60 14.56
CA ARG B 188 -30.16 13.16 15.65
C ARG B 188 -28.65 13.05 15.45
N GLY B 190 -25.27 12.61 15.57
CA GLY B 190 -25.62 11.82 14.40
C GLY B 190 -24.42 11.31 13.62
N LEU B 191 -23.60 10.49 14.28
CA LEU B 191 -22.41 9.87 13.71
C LEU B 191 -21.30 10.89 13.43
N ASP B 192 -21.24 11.97 14.20
CA ASP B 192 -20.25 13.03 13.97
C ASP B 192 -20.38 13.55 12.54
N PHE B 193 -21.42 14.35 12.32
CA PHE B 193 -22.02 14.74 11.05
C PHE B 193 -21.07 14.79 9.85
N ASN B 194 -19.87 15.34 10.02
CA ASN B 194 -18.90 15.43 8.93
C ASN B 194 -17.69 14.51 9.15
N GLU B 195 -17.83 13.47 9.98
CA GLU B 195 -16.72 12.55 10.22
C GLU B 195 -16.56 11.53 9.10
N MET B 196 -17.67 10.99 8.60
CA MET B 196 -17.57 9.93 7.61
C MET B 196 -17.32 10.52 6.23
N VAL B 197 -16.70 9.70 5.38
CA VAL B 197 -16.46 10.05 3.98
C VAL B 197 -16.71 8.80 3.14
N LEU B 198 -17.44 8.99 2.04
CA LEU B 198 -17.69 7.91 1.10
C LEU B 198 -16.59 7.94 0.05
N LEU B 199 -16.04 6.78 -0.25
CA LEU B 199 -14.78 6.75 -1.00
C LEU B 199 -15.05 5.98 -2.28
N THR B 200 -15.55 6.71 -3.29
CA THR B 200 -15.92 6.08 -4.55
C THR B 200 -14.66 5.68 -5.30
N MET B 201 -14.48 4.40 -5.56
CA MET B 201 -13.24 4.00 -6.23
C MET B 201 -13.56 2.91 -7.25
N LYS B 202 -13.49 3.27 -8.52
CA LYS B 202 -13.51 2.33 -9.64
C LYS B 202 -14.62 1.30 -9.48
N GLU B 203 -15.84 1.83 -9.40
CA GLU B 203 -17.16 1.21 -9.25
C GLU B 203 -17.51 0.79 -7.83
N LYS B 204 -16.56 0.75 -6.90
CA LYS B 204 -16.88 0.28 -5.56
C LYS B 204 -17.00 1.45 -4.60
N SER B 205 -17.38 1.14 -3.38
CA SER B 205 -17.68 2.19 -2.42
C SER B 205 -17.29 1.71 -1.03
N TRP B 206 -16.76 2.63 -0.24
CA TRP B 206 -16.41 2.36 1.13
C TRP B 206 -16.80 3.57 1.97
N LEU B 207 -16.95 3.35 3.27
CA LEU B 207 -17.21 4.43 4.21
C LEU B 207 -16.10 4.42 5.24
N VAL B 208 -15.36 5.52 5.33
CA VAL B 208 -14.21 5.61 6.21
C VAL B 208 -14.24 6.93 6.96
N HIS B 209 -13.29 7.11 7.86
CA HIS B 209 -13.26 8.33 8.65
C HIS B 209 -12.59 9.45 7.87
N LYS B 210 -12.88 10.69 8.28
CA LYS B 210 -12.32 11.84 7.56
C LYS B 210 -10.82 11.94 7.78
N GLN B 211 -10.36 11.77 9.03
CA GLN B 211 -8.93 11.87 9.29
C GLN B 211 -8.15 10.75 8.64
N TRP B 212 -8.71 9.53 8.64
CA TRP B 212 -8.06 8.43 7.95
C TRP B 212 -7.93 8.70 6.45
N PHE B 213 -8.93 9.38 5.88
CA PHE B 213 -8.91 9.66 4.46
C PHE B 213 -7.95 10.78 4.12
N LEU B 214 -7.90 11.83 4.94
CA LEU B 214 -6.99 12.94 4.68
C LEU B 214 -5.53 12.54 4.83
N ASP B 215 -5.25 11.64 5.78
CA ASP B 215 -3.88 11.19 6.02
C ASP B 215 -3.42 10.15 5.00
N LEU B 216 -4.21 9.89 3.97
CA LEU B 216 -3.78 8.91 2.97
C LEU B 216 -2.63 9.47 2.17
N PRO B 217 -1.54 8.72 2.01
CA PRO B 217 -0.41 9.21 1.21
C PRO B 217 -0.68 9.10 -0.29
N LEU B 218 -1.50 10.01 -0.80
CA LEU B 218 -1.77 10.05 -2.22
C LEU B 218 -1.95 11.49 -2.67
N PRO B 219 -1.56 11.81 -3.90
CA PRO B 219 -1.78 13.15 -4.43
C PRO B 219 -3.27 13.46 -4.45
N TRP B 220 -3.60 14.74 -4.29
CA TRP B 220 -5.00 15.11 -4.15
C TRP B 220 -5.29 16.41 -4.89
N THR B 221 -6.54 16.55 -5.32
CA THR B 221 -7.02 17.77 -5.97
C THR B 221 -8.37 18.14 -5.39
N SER B 222 -8.71 19.43 -5.52
CA SER B 222 -10.06 19.87 -5.16
C SER B 222 -11.08 19.13 -6.00
N GLY B 223 -12.18 18.73 -5.36
CA GLY B 223 -13.08 17.74 -5.92
C GLY B 223 -13.86 18.19 -7.15
N ALA B 224 -13.96 19.51 -7.38
CA ALA B 224 -14.74 20.00 -8.51
C ALA B 224 -14.26 19.38 -9.82
N SER B 225 -15.19 19.11 -10.72
CA SER B 225 -14.85 18.54 -12.02
C SER B 225 -14.47 19.61 -13.02
N SER B 227 -12.45 19.90 -15.55
CA SER B 227 -11.13 19.51 -16.03
C SER B 227 -10.04 20.30 -15.33
N GLN B 228 -8.84 20.31 -15.94
CA GLN B 228 -7.69 21.07 -15.44
C GLN B 228 -7.37 20.70 -13.99
N GLU B 229 -7.17 19.41 -13.77
CA GLU B 229 -6.91 18.90 -12.43
C GLU B 229 -5.48 19.26 -12.02
N THR B 230 -5.35 20.19 -11.08
CA THR B 230 -4.05 20.53 -10.50
C THR B 230 -3.77 19.60 -9.33
N TRP B 231 -2.71 18.82 -9.42
CA TRP B 231 -2.40 17.81 -8.43
C TRP B 231 -1.37 18.33 -7.43
N ASN B 232 -1.70 18.26 -6.15
CA ASN B 232 -0.77 18.60 -5.08
C ASN B 232 -0.12 17.34 -4.54
N ARG B 233 1.11 17.51 -4.05
CA ARG B 233 1.87 16.42 -3.43
C ARG B 233 2.09 15.28 -4.42
N GLN B 234 2.60 15.64 -5.60
CA GLN B 234 2.80 14.66 -6.67
C GLN B 234 3.97 13.71 -6.38
N ASP B 235 4.86 14.08 -5.46
CA ASP B 235 6.05 13.27 -5.20
C ASP B 235 5.70 11.92 -4.58
N LEU B 236 4.48 11.76 -4.07
CA LEU B 236 4.05 10.49 -3.50
C LEU B 236 3.85 9.41 -4.56
N LEU B 237 3.89 9.76 -5.83
CA LEU B 237 3.79 8.79 -6.91
C LEU B 237 4.91 8.91 -7.94
N VAL B 238 5.75 9.93 -7.85
CA VAL B 238 6.84 10.11 -8.79
C VAL B 238 8.06 10.49 -7.99
N THR B 239 9.10 9.66 -8.05
CA THR B 239 10.36 9.95 -7.41
C THR B 239 11.40 10.23 -8.48
N PHE B 240 12.51 10.83 -8.06
CA PHE B 240 13.60 11.17 -8.96
C PHE B 240 14.87 10.50 -8.44
N LYS B 241 15.50 9.70 -9.28
CA LYS B 241 16.86 9.27 -8.99
C LYS B 241 17.80 10.08 -9.87
N THR B 242 18.98 10.38 -9.34
CA THR B 242 19.93 11.23 -10.06
C THR B 242 21.04 10.38 -10.65
N ALA B 243 21.03 10.22 -11.98
CA ALA B 243 22.21 9.75 -12.65
C ALA B 243 23.27 10.84 -12.63
N HIS B 244 24.51 10.47 -12.93
CA HIS B 244 25.61 11.35 -12.61
C HIS B 244 25.66 12.58 -13.53
N ALA B 245 25.50 13.74 -12.91
CA ALA B 245 25.95 15.09 -13.26
C ALA B 245 25.14 15.82 -14.34
N LYS B 246 24.26 15.17 -15.09
CA LYS B 246 23.36 15.95 -15.93
C LYS B 246 21.95 15.37 -16.06
N LYS B 247 21.64 14.25 -15.43
CA LYS B 247 20.39 13.58 -15.73
C LYS B 247 19.75 13.07 -14.47
N GLN B 248 18.45 13.28 -14.36
CA GLN B 248 17.66 12.83 -13.22
C GLN B 248 16.48 12.09 -13.81
N GLU B 249 16.46 10.77 -13.63
CA GLU B 249 15.40 9.95 -14.20
C GLU B 249 14.23 9.86 -13.25
N VAL B 250 13.04 9.76 -13.83
CA VAL B 250 11.79 9.72 -13.10
C VAL B 250 11.36 8.29 -12.90
N VAL B 251 10.82 8.00 -11.73
CA VAL B 251 10.34 6.67 -11.37
C VAL B 251 8.90 6.82 -10.91
N VAL B 252 7.98 6.13 -11.58
CA VAL B 252 6.58 6.16 -11.21
C VAL B 252 6.30 5.03 -10.24
N LEU B 253 5.55 5.32 -9.17
CA LEU B 253 5.32 4.33 -8.14
C LEU B 253 4.46 3.18 -8.64
N GLY B 254 3.56 3.42 -9.59
CA GLY B 254 2.67 2.40 -10.10
C GLY B 254 1.29 2.47 -9.48
N SER B 255 0.44 1.54 -9.92
CA SER B 255 -0.95 1.52 -9.52
C SER B 255 -1.07 1.24 -8.02
N GLN B 256 -1.71 2.15 -7.29
CA GLN B 256 -1.96 1.99 -5.87
C GLN B 256 -3.31 1.35 -5.59
N GLU B 257 -3.87 0.63 -6.56
CA GLU B 257 -5.16 -0.02 -6.35
C GLU B 257 -5.08 -1.05 -5.22
N GLY B 258 -4.10 -1.97 -5.32
CA GLY B 258 -3.94 -2.97 -4.27
C GLY B 258 -3.60 -2.37 -2.93
N ALA B 259 -2.83 -1.28 -2.92
CA ALA B 259 -2.57 -0.58 -1.67
C ALA B 259 -3.86 -0.09 -1.04
N MET B 260 -4.73 0.51 -1.84
CA MET B 260 -6.01 0.98 -1.31
C MET B 260 -6.87 -0.16 -0.82
N HIS B 261 -6.90 -1.28 -1.56
CA HIS B 261 -7.70 -2.42 -1.12
C HIS B 261 -7.18 -2.97 0.20
N THR B 262 -5.86 -3.08 0.35
CA THR B 262 -5.29 -3.54 1.62
C THR B 262 -5.60 -2.57 2.74
N ALA B 263 -5.54 -1.27 2.47
CA ALA B 263 -5.84 -0.29 3.52
C ALA B 263 -7.30 -0.31 3.92
N LEU B 264 -8.19 -0.63 2.98
CA LEU B 264 -9.62 -0.66 3.24
C LEU B 264 -10.10 -2.02 3.73
N THR B 265 -9.21 -2.98 3.92
CA THR B 265 -9.61 -4.26 4.48
C THR B 265 -10.13 -4.09 5.90
N GLY B 266 -9.61 -3.10 6.63
CA GLY B 266 -10.07 -2.86 7.99
C GLY B 266 -11.42 -2.18 8.06
N ALA B 267 -11.76 -1.38 7.04
CA ALA B 267 -13.04 -0.68 7.04
C ALA B 267 -14.16 -1.61 6.61
N THR B 268 -15.39 -1.19 6.90
CA THR B 268 -16.58 -1.92 6.49
C THR B 268 -16.92 -1.58 5.05
N GLU B 269 -16.89 -2.57 4.17
CA GLU B 269 -17.30 -2.32 2.80
C GLU B 269 -18.80 -2.03 2.76
N ILE B 270 -19.16 -0.94 2.09
CA ILE B 270 -20.53 -0.61 1.79
C ILE B 270 -20.79 -1.12 0.37
N GLN B 271 -21.72 -2.05 0.24
CA GLN B 271 -21.70 -2.95 -0.92
C GLN B 271 -22.02 -2.25 -2.25
N THR B 272 -22.87 -1.23 -2.26
CA THR B 272 -23.25 -0.63 -3.53
C THR B 272 -22.61 0.75 -3.71
N SER B 273 -22.73 1.27 -4.93
CA SER B 273 -21.93 2.42 -5.37
C SER B 273 -22.24 3.68 -4.57
N THR B 275 -23.52 3.91 -4.23
CA THR B 275 -23.88 5.10 -3.47
C THR B 275 -24.91 4.81 -2.39
N THR B 276 -25.43 3.59 -2.30
CA THR B 276 -26.28 3.18 -1.21
C THR B 276 -25.47 2.36 -0.22
N THR B 277 -25.72 2.56 1.07
CA THR B 277 -25.00 1.87 2.13
C THR B 277 -25.85 0.73 2.67
N ILE B 278 -25.39 -0.51 2.48
CA ILE B 278 -26.13 -1.61 3.07
C ILE B 278 -25.48 -1.80 4.45
N PHE B 279 -25.57 -0.75 5.27
CA PHE B 279 -25.36 -0.73 6.71
C PHE B 279 -25.71 0.68 7.15
N ALA B 280 -26.69 0.85 8.03
CA ALA B 280 -27.15 2.20 8.31
C ALA B 280 -26.54 2.84 9.55
N GLY B 281 -26.88 2.27 10.70
CA GLY B 281 -26.67 2.91 11.98
C GLY B 281 -27.97 3.11 12.74
N HIS B 282 -27.83 3.39 14.03
CA HIS B 282 -28.98 3.48 14.93
C HIS B 282 -29.91 4.63 14.52
N LEU B 283 -31.18 4.47 14.88
CA LEU B 283 -32.21 5.47 14.57
C LEU B 283 -33.38 5.26 15.50
N LYS B 284 -33.72 6.29 16.28
CA LYS B 284 -34.75 6.19 17.30
C LYS B 284 -36.09 6.64 16.72
N CYS B 285 -37.07 5.74 16.70
CA CYS B 285 -38.33 5.99 16.02
C CYS B 285 -39.50 5.85 17.00
N ARG B 286 -40.60 6.52 16.64
CA ARG B 286 -41.86 6.41 17.35
C ARG B 286 -42.95 6.09 16.34
N LEU B 287 -43.66 4.99 16.56
CA LEU B 287 -44.76 4.57 15.71
C LEU B 287 -46.08 5.00 16.33
N LYS B 288 -46.82 5.84 15.61
CA LYS B 288 -48.16 6.24 15.99
C LYS B 288 -49.17 5.45 15.14
N MET B 289 -50.11 4.79 15.83
CA MET B 289 -51.05 3.86 15.21
C MET B 289 -52.49 4.33 15.32
N ASP B 290 -52.71 5.63 15.57
CA ASP B 290 -54.08 6.13 15.70
C ASP B 290 -54.87 5.94 14.42
N LYS B 291 -54.21 5.89 13.27
CA LYS B 291 -54.86 5.65 12.00
C LYS B 291 -54.71 4.21 11.52
N LEU B 292 -53.97 3.37 12.24
CA LEU B 292 -53.81 1.98 11.82
C LEU B 292 -55.09 1.20 12.05
N THR B 293 -55.46 0.42 11.05
CA THR B 293 -56.66 -0.40 11.08
C THR B 293 -56.26 -1.85 11.28
N LEU B 294 -56.86 -2.50 12.27
CA LEU B 294 -56.67 -3.93 12.49
C LEU B 294 -57.73 -4.65 11.65
N LYS B 295 -57.32 -5.18 10.49
CA LYS B 295 -58.27 -5.88 9.64
C LYS B 295 -58.59 -7.25 10.22
N GLY B 296 -59.88 -7.60 10.19
CA GLY B 296 -60.33 -8.87 10.71
C GLY B 296 -61.02 -8.80 12.06
N MET B 297 -61.27 -7.61 12.59
CA MET B 297 -61.96 -7.51 13.88
C MET B 297 -63.47 -7.69 13.73
N SER B 298 -64.02 -7.50 12.54
CA SER B 298 -65.42 -7.78 12.26
C SER B 298 -65.62 -9.17 11.67
N TYR B 299 -64.58 -9.98 11.60
CA TYR B 299 -64.61 -11.26 10.92
C TYR B 299 -65.14 -12.35 11.86
N VAL B 300 -65.63 -13.43 11.26
CA VAL B 300 -66.26 -14.51 12.01
C VAL B 300 -65.20 -15.47 12.54
N MET B 301 -65.54 -16.20 13.61
CA MET B 301 -64.67 -17.26 14.09
C MET B 301 -64.74 -18.47 13.15
N CYS B 302 -63.58 -19.11 12.93
CA CYS B 302 -63.54 -20.29 12.07
C CYS B 302 -64.11 -21.50 12.81
N THR B 303 -64.93 -22.28 12.10
CA THR B 303 -65.59 -23.46 12.67
C THR B 303 -65.07 -24.77 12.11
N GLY B 304 -64.41 -24.75 10.96
CA GLY B 304 -63.90 -25.97 10.38
C GLY B 304 -62.69 -26.50 11.11
N SER B 305 -62.28 -27.70 10.70
CA SER B 305 -61.14 -28.40 11.29
C SER B 305 -59.90 -28.11 10.46
N PHE B 306 -58.83 -27.71 11.13
CA PHE B 306 -57.56 -27.40 10.50
C PHE B 306 -56.69 -28.64 10.39
N LYS B 307 -55.65 -28.53 9.58
CA LYS B 307 -54.65 -29.58 9.48
C LYS B 307 -53.32 -28.92 9.17
N LEU B 308 -52.25 -29.54 9.65
CA LEU B 308 -50.93 -28.93 9.58
C LEU B 308 -50.34 -29.08 8.18
N GLU B 309 -50.09 -27.93 7.52
CA GLU B 309 -49.38 -27.95 6.25
C GLU B 309 -47.90 -28.24 6.42
N LYS B 310 -47.24 -27.56 7.35
CA LYS B 310 -45.81 -27.75 7.50
C LYS B 310 -45.48 -28.02 8.96
N GLU B 311 -44.54 -28.94 9.19
CA GLU B 311 -44.12 -29.32 10.53
C GLU B 311 -43.78 -28.09 11.36
N VAL B 312 -44.25 -28.09 12.61
CA VAL B 312 -43.97 -27.01 13.55
C VAL B 312 -42.47 -26.74 13.59
N ALA B 313 -42.10 -25.47 13.47
CA ALA B 313 -40.70 -25.04 13.49
C ALA B 313 -40.49 -24.07 14.64
N GLU B 314 -39.35 -24.22 15.31
CA GLU B 314 -38.96 -23.34 16.40
C GLU B 314 -37.94 -22.34 15.89
N THR B 315 -38.15 -21.05 16.19
CA THR B 315 -37.19 -20.03 15.83
C THR B 315 -36.09 -19.94 16.88
N GLN B 316 -35.10 -19.09 16.61
CA GLN B 316 -33.98 -18.96 17.54
C GLN B 316 -34.36 -18.25 18.84
N HIS B 317 -35.50 -17.58 18.88
CA HIS B 317 -35.91 -16.81 20.05
C HIS B 317 -36.89 -17.57 20.94
N GLY B 318 -37.08 -18.86 20.69
CA GLY B 318 -38.01 -19.65 21.46
C GLY B 318 -39.44 -19.65 20.96
N THR B 319 -39.74 -18.85 19.93
CA THR B 319 -41.09 -18.82 19.37
C THR B 319 -41.30 -20.03 18.46
N VAL B 320 -42.58 -20.32 18.19
CA VAL B 320 -42.99 -21.46 17.36
C VAL B 320 -43.83 -20.95 16.20
N LEU B 321 -43.49 -21.41 15.00
CA LEU B 321 -44.22 -21.08 13.78
C LEU B 321 -45.00 -22.30 13.33
N VAL B 322 -46.29 -22.10 13.02
CA VAL B 322 -47.18 -23.18 12.62
C VAL B 322 -47.87 -22.75 11.34
N GLN B 323 -47.78 -23.58 10.29
CA GLN B 323 -48.36 -23.27 8.99
C GLN B 323 -49.44 -24.29 8.68
N VAL B 324 -50.69 -23.83 8.60
CA VAL B 324 -51.87 -24.67 8.53
C VAL B 324 -52.68 -24.35 7.29
N LYS B 325 -53.56 -25.28 6.92
CA LYS B 325 -54.51 -25.11 5.82
C LYS B 325 -55.92 -25.34 6.35
N TYR B 326 -56.83 -24.44 6.00
CA TYR B 326 -58.21 -24.50 6.47
C TYR B 326 -59.09 -25.29 5.49
N GLU B 327 -60.24 -25.73 6.00
CA GLU B 327 -61.24 -26.41 5.19
C GLU B 327 -61.92 -25.44 4.23
N THR B 329 -65.39 -23.34 7.06
CA THR B 329 -65.32 -22.98 5.65
C THR B 329 -65.92 -21.62 5.39
N ASP B 330 -66.08 -20.83 6.48
CA ASP B 330 -66.65 -19.49 6.35
C ASP B 330 -65.91 -18.69 5.29
N ALA B 331 -64.57 -18.59 5.43
CA ALA B 331 -63.69 -18.11 4.37
C ALA B 331 -64.12 -16.75 3.82
N PRO B 332 -63.85 -15.66 4.53
CA PRO B 332 -62.86 -15.61 5.60
C PRO B 332 -63.40 -15.75 7.02
N CYS B 333 -62.50 -16.09 7.93
CA CYS B 333 -62.84 -16.22 9.34
C CYS B 333 -61.56 -16.07 10.15
N LYS B 334 -61.73 -16.02 11.47
CA LYS B 334 -60.62 -15.87 12.40
C LYS B 334 -60.25 -17.23 12.99
N ILE B 335 -58.95 -17.53 13.00
CA ILE B 335 -58.45 -18.79 13.54
C ILE B 335 -58.35 -18.66 15.05
N PRO B 336 -58.95 -19.56 15.81
CA PRO B 336 -58.79 -19.50 17.26
C PRO B 336 -57.41 -19.99 17.70
N PHE B 337 -56.90 -19.38 18.76
CA PHE B 337 -55.51 -19.67 19.10
C PHE B 337 -55.28 -19.30 20.55
N SER B 338 -54.68 -20.24 21.27
CA SER B 338 -54.28 -20.12 22.66
C SER B 338 -53.44 -21.36 22.94
N THR B 339 -52.97 -21.46 24.18
CA THR B 339 -52.01 -22.50 24.54
C THR B 339 -52.39 -23.07 25.90
N GLN B 340 -52.23 -24.38 26.05
CA GLN B 340 -52.50 -25.05 27.31
C GLN B 340 -51.31 -25.91 27.71
N ASP B 341 -50.87 -25.78 28.96
CA ASP B 341 -49.79 -26.60 29.49
C ASP B 341 -50.31 -27.98 29.89
N VAL B 345 -53.10 -27.19 30.94
CA VAL B 345 -53.83 -26.72 32.12
C VAL B 345 -54.19 -25.24 32.02
N THR B 346 -53.19 -24.39 31.78
CA THR B 346 -53.41 -22.95 31.66
C THR B 346 -53.96 -22.63 30.28
N GLN B 347 -55.12 -21.98 30.20
CA GLN B 347 -55.71 -21.70 28.90
C GLN B 347 -55.01 -20.55 28.19
N ASN B 348 -54.39 -19.64 28.94
CA ASN B 348 -53.81 -18.46 28.33
C ASN B 348 -52.61 -18.83 27.46
N GLY B 349 -52.43 -18.06 26.39
CA GLY B 349 -51.31 -18.25 25.49
C GLY B 349 -50.99 -16.99 24.71
N ARG B 350 -49.75 -16.55 24.77
CA ARG B 350 -49.37 -15.32 24.08
C ARG B 350 -49.15 -15.60 22.60
N LEU B 351 -49.75 -14.78 21.75
CA LEU B 351 -49.65 -14.89 20.31
C LEU B 351 -48.75 -13.78 19.76
N ILE B 352 -47.99 -14.12 18.73
CA ILE B 352 -47.26 -13.10 17.98
C ILE B 352 -48.09 -12.52 16.86
N THR B 353 -48.74 -13.38 16.07
CA THR B 353 -49.69 -12.94 15.06
C THR B 353 -50.95 -12.45 15.75
N ALA B 354 -51.32 -11.19 15.51
CA ALA B 354 -52.41 -10.60 16.27
C ALA B 354 -53.76 -11.20 15.89
N ASN B 355 -54.07 -11.27 14.59
CA ASN B 355 -55.36 -11.75 14.11
C ASN B 355 -55.12 -12.80 13.03
N PRO B 356 -54.92 -14.06 13.42
CA PRO B 356 -54.77 -15.11 12.41
C PRO B 356 -56.08 -15.37 11.69
N ILE B 357 -56.18 -14.93 10.44
CA ILE B 357 -57.40 -15.08 9.66
C ILE B 357 -57.07 -15.85 8.39
N VAL B 358 -58.11 -16.39 7.77
CA VAL B 358 -57.98 -17.14 6.54
C VAL B 358 -58.65 -16.33 5.44
N THR B 359 -57.85 -15.57 4.69
CA THR B 359 -58.42 -14.77 3.60
C THR B 359 -58.88 -15.66 2.45
N ASP B 360 -58.22 -16.79 2.24
CA ASP B 360 -58.63 -17.72 1.20
C ASP B 360 -58.30 -19.13 1.68
N LYS B 361 -59.12 -20.09 1.27
CA LYS B 361 -58.97 -21.46 1.74
C LYS B 361 -57.68 -22.09 1.24
N GLU B 362 -57.34 -21.88 -0.03
CA GLU B 362 -56.17 -22.55 -0.60
C GLU B 362 -54.86 -21.99 -0.06
N LYS B 363 -54.75 -20.67 0.07
CA LYS B 363 -53.52 -20.03 0.53
C LYS B 363 -53.25 -20.35 2.00
N PRO B 364 -52.23 -21.14 2.33
CA PRO B 364 -52.00 -21.52 3.73
C PRO B 364 -51.84 -20.30 4.62
N VAL B 365 -51.95 -20.52 5.92
CA VAL B 365 -51.82 -19.44 6.88
C VAL B 365 -50.74 -19.81 7.90
N ASN B 366 -49.81 -18.88 8.11
CA ASN B 366 -48.73 -19.02 9.09
C ASN B 366 -49.11 -18.25 10.37
N ILE B 367 -48.82 -18.85 11.51
CA ILE B 367 -49.09 -18.23 12.81
C ILE B 367 -47.86 -18.41 13.68
N GLU B 368 -47.42 -17.32 14.31
CA GLU B 368 -46.31 -17.35 15.24
C GLU B 368 -46.82 -17.17 16.66
N THR B 369 -46.29 -17.97 17.58
CA THR B 369 -46.71 -17.92 18.97
C THR B 369 -45.50 -18.05 19.87
N GLU B 370 -45.70 -17.71 21.14
CA GLU B 370 -44.68 -17.87 22.19
C GLU B 370 -45.12 -19.01 23.10
N PRO B 371 -44.72 -20.25 22.82
CA PRO B 371 -45.08 -21.36 23.69
C PRO B 371 -44.55 -21.14 25.09
N PRO B 372 -45.29 -21.55 26.12
CA PRO B 372 -44.77 -21.54 27.48
C PRO B 372 -43.76 -22.66 27.67
N PHE B 373 -42.96 -22.52 28.71
CA PHE B 373 -41.90 -23.48 29.00
C PHE B 373 -42.50 -24.86 29.27
N GLY B 374 -42.18 -25.83 28.42
CA GLY B 374 -42.50 -27.22 28.68
C GLY B 374 -43.83 -27.76 28.19
N GLU B 375 -43.77 -28.86 27.42
CA GLU B 375 -44.89 -29.75 27.10
C GLU B 375 -46.24 -29.06 26.98
N SER B 376 -46.29 -27.99 26.20
CA SER B 376 -47.52 -27.24 26.01
C SER B 376 -48.38 -27.91 24.92
N TYR B 377 -49.54 -27.33 24.67
CA TYR B 377 -50.45 -27.81 23.64
C TYR B 377 -51.09 -26.62 22.95
N ILE B 378 -51.67 -26.87 21.79
CA ILE B 378 -52.10 -25.78 20.91
C ILE B 378 -53.56 -26.00 20.55
N ILE B 379 -54.29 -24.90 20.33
CA ILE B 379 -55.74 -25.00 20.20
C ILE B 379 -56.24 -24.46 18.85
N VAL B 380 -55.45 -24.64 17.78
CA VAL B 380 -55.88 -24.25 16.45
C VAL B 380 -57.16 -24.96 16.10
N GLY B 381 -58.20 -24.23 15.67
CA GLY B 381 -59.40 -24.97 15.33
C GLY B 381 -60.73 -24.58 15.92
N ALA B 382 -61.26 -25.41 16.82
CA ALA B 382 -62.57 -25.17 17.44
C ALA B 382 -62.44 -24.47 18.80
N GLU B 384 -63.18 -29.03 19.81
CA GLU B 384 -63.97 -29.98 19.04
C GLU B 384 -63.25 -30.30 17.74
N LYS B 385 -62.39 -31.31 17.83
CA LYS B 385 -61.54 -31.84 16.76
C LYS B 385 -60.46 -30.88 16.29
N ALA B 386 -60.28 -29.77 16.97
CA ALA B 386 -59.10 -28.95 16.78
C ALA B 386 -57.85 -29.75 17.13
N LEU B 387 -56.82 -29.63 16.30
CA LEU B 387 -55.61 -30.42 16.49
C LEU B 387 -54.73 -29.86 17.60
N LYS B 388 -54.07 -30.77 18.31
CA LYS B 388 -53.21 -30.47 19.44
C LYS B 388 -51.79 -30.93 19.13
N LEU B 389 -50.82 -30.11 19.49
CA LEU B 389 -49.41 -30.42 19.24
C LEU B 389 -48.61 -30.23 20.51
N SER B 390 -47.63 -31.12 20.70
CA SER B 390 -46.76 -31.07 21.87
C SER B 390 -45.49 -30.28 21.55
N TRP B 391 -44.95 -29.62 22.58
CA TRP B 391 -43.72 -28.86 22.41
C TRP B 391 -42.98 -28.76 23.73
N PHE B 392 -41.81 -29.39 23.80
CA PHE B 392 -40.96 -29.35 24.98
C PHE B 392 -39.99 -28.19 24.80
N LYS B 393 -40.42 -27.00 25.20
CA LYS B 393 -39.49 -25.88 25.30
C LYS B 393 -38.50 -26.18 26.42
N LYS B 394 -37.22 -26.25 26.09
CA LYS B 394 -36.22 -26.64 27.07
C LYS B 394 -35.76 -25.44 27.88
C1 NAG C . 38.09 10.49 -20.98
C2 NAG C . 37.87 11.77 -21.80
C3 NAG C . 37.71 11.43 -23.28
C4 NAG C . 38.88 10.59 -23.78
C5 NAG C . 39.06 9.36 -22.89
C6 NAG C . 40.31 8.57 -23.22
C7 NAG C . 36.81 13.56 -20.50
C8 NAG C . 35.51 14.20 -20.10
N2 NAG C . 36.72 12.51 -21.32
O3 NAG C . 37.61 12.62 -24.05
O4 NAG C . 38.64 10.17 -25.12
O5 NAG C . 39.20 9.77 -21.52
O6 NAG C . 40.83 7.92 -22.07
O7 NAG C . 37.89 13.97 -20.07
C1 FUC C . 42.26 8.12 -21.93
C2 FUC C . 42.90 6.71 -21.76
C3 FUC C . 44.20 6.50 -22.58
C4 FUC C . 45.08 7.78 -22.70
C5 FUC C . 44.25 9.04 -22.99
C6 FUC C . 44.50 10.14 -21.95
O2 FUC C . 41.95 5.67 -22.05
O3 FUC C . 45.00 5.49 -21.97
O4 FUC C . 45.87 7.97 -21.53
O5 FUC C . 42.82 8.80 -23.05
C1 NAG D . -13.10 -25.75 -13.07
C2 NAG D . -13.88 -27.04 -13.42
C3 NAG D . -13.90 -27.26 -14.95
C4 NAG D . -14.35 -25.99 -15.68
C5 NAG D . -13.48 -24.82 -15.27
C6 NAG D . -13.89 -23.52 -15.90
C7 NAG D . -13.36 -28.40 -11.45
C8 NAG D . -12.72 -29.66 -10.96
N2 NAG D . -13.32 -28.20 -12.77
O3 NAG D . -14.77 -28.33 -15.25
O4 NAG D . -14.23 -26.18 -17.09
O5 NAG D . -13.59 -24.65 -13.85
O6 NAG D . -13.53 -22.41 -15.08
O7 NAG D . -13.89 -27.60 -10.68
C1 NAG E . -41.19 -15.51 -1.58
C2 NAG E . -42.06 -16.78 -1.51
C3 NAG E . -42.13 -17.47 -2.88
C4 NAG E . -42.59 -16.49 -3.95
C5 NAG E . -41.69 -15.25 -3.96
C6 NAG E . -42.16 -14.21 -4.93
C7 NAG E . -40.51 -18.39 -0.29
C8 NAG E . -39.44 -18.21 -1.34
N2 NAG E . -41.67 -17.71 -0.45
O3 NAG E . -43.03 -18.57 -2.81
O4 NAG E . -42.58 -17.11 -5.23
O5 NAG E . -41.67 -14.64 -2.65
O6 NAG E . -43.43 -14.52 -5.47
O7 NAG E . -40.34 -19.13 0.67
#